data_8B05
#
_entry.id   8B05
#
_cell.length_a   180.990
_cell.length_b   59.108
_cell.length_c   66.848
_cell.angle_alpha   90.000
_cell.angle_beta   94.600
_cell.angle_gamma   90.000
#
_symmetry.space_group_name_H-M   'C 1 2 1'
#
loop_
_entity.id
_entity.type
_entity.pdbx_description
1 polymer 'Tryptophan synthase alpha chain'
2 polymer 'Tryptophan synthase beta chain'
3 non-polymer 'CESIUM ION'
4 non-polymer [3-HYDROXY-2-METHYL-5-PHOSPHONOOXYMETHYL-PYRIDIN-4-YLMETHYL]-SERINE
5 non-polymer INDOLE
6 non-polymer 'CHLORIDE ION'
7 water water
#
loop_
_entity_poly.entity_id
_entity_poly.type
_entity_poly.pdbx_seq_one_letter_code
_entity_poly.pdbx_strand_id
1 'polypeptide(L)'
;MERYENLFAQLNDRREGAFVPFVTLGDPGIEQSLKIIDTLIDAGADALELGVPFSDPLADGPTIQNANLRAFAAGVTPAQ
CFEMLALIREKHPTIPIGLLMYANLVFNNGIDAFYARCEQVGVDSVLVADVPVEESAPFRQAALRHNIAPIFICPPNADD
DLLRQVASYGRGYTYLLSRSGVTGAENRGALPLHHLIEKLKEYHAAPALQGFGISSPEQVSAAVRAGAAGAISGSAIVKI
IEKNLASPKQMLAELRSFVSAMKAASRA
;
A
2 'polypeptide(L)'
;MTTLLNPYFGEFGGMYVPQILMPALNQLEEAFVSAQKDPEFQAQFADLLKNYAGRPTALTKCQNITAGTRTTLYLKREDL
LHGGAHKTNQVLGQALLAKRMGKSEIIAETGAGQHGVASALASALLGLKCRIYMGAKDVERQSPNVFRMRLMGAEVIPVH
SGSATLKDACNEALRDWSGSYETAHYMLGTAAGPHPYPTIVREFQRMIGEETKAQILDKEGRLPDAVIACVGGGSNAIGM
FADFINDTSVGLIGVEPGGHGIETGEHGAPLKHGRVGIYFGMKAPMMQTADGQIEESYSISAGLDFPSVGPQHAYLNSIG
RADYVSITDDEALEAFKTLCRHEGIIPALESSHALAHALKMMREQPEKEQLLVVNLSGRGDKDIFTVHDILKARGEI
;
B
#
loop_
_chem_comp.id
_chem_comp.type
_chem_comp.name
_chem_comp.formula
CL non-polymer 'CHLORIDE ION' 'Cl -1'
CS non-polymer 'CESIUM ION' 'Cs 1'
IND non-polymer INDOLE 'C8 H7 N'
PLS non-polymer [3-HYDROXY-2-METHYL-5-PHOSPHONOOXYMETHYL-PYRIDIN-4-YLMETHYL]-SERINE 'C11 H17 N2 O8 P'
#
# COMPACT_ATOMS: atom_id res chain seq x y z
N MET A 1 -21.87 -22.91 15.89
CA MET A 1 -22.66 -22.37 14.78
C MET A 1 -23.22 -20.98 15.11
N GLU A 2 -23.30 -20.68 16.41
CA GLU A 2 -24.19 -19.63 16.89
C GLU A 2 -23.56 -18.81 18.03
N ARG A 3 -22.24 -18.69 18.06
CA ARG A 3 -21.60 -18.27 19.31
C ARG A 3 -21.85 -16.80 19.67
N TYR A 4 -21.82 -15.89 18.69
CA TYR A 4 -22.05 -14.48 19.03
C TYR A 4 -23.49 -14.25 19.48
N GLU A 5 -24.44 -14.89 18.79
CA GLU A 5 -25.84 -14.76 19.16
C GLU A 5 -26.08 -15.28 20.56
N ASN A 6 -25.49 -16.44 20.90
CA ASN A 6 -25.65 -17.00 22.24
C ASN A 6 -25.04 -16.10 23.30
N LEU A 7 -23.83 -15.57 23.04
CA LEU A 7 -23.20 -14.70 24.02
C LEU A 7 -24.05 -13.47 24.30
N PHE A 8 -24.55 -12.84 23.24
CA PHE A 8 -25.27 -11.59 23.43
C PHE A 8 -26.61 -11.81 24.09
N ALA A 9 -27.26 -12.96 23.82
CA ALA A 9 -28.45 -13.31 24.56
C ALA A 9 -28.15 -13.41 26.05
N GLN A 10 -27.10 -14.17 26.41
CA GLN A 10 -26.78 -14.35 27.82
C GLN A 10 -26.42 -13.02 28.47
N LEU A 11 -25.54 -12.25 27.83
CA LEU A 11 -25.15 -10.96 28.38
C LEU A 11 -26.37 -10.09 28.63
N ASN A 12 -27.34 -10.10 27.72
CA ASN A 12 -28.53 -9.30 27.94
C ASN A 12 -29.37 -9.89 29.06
N ASP A 13 -29.43 -11.22 29.15
CA ASP A 13 -30.10 -11.88 30.28
C ASP A 13 -29.51 -11.45 31.62
N ARG A 14 -28.26 -11.00 31.64
CA ARG A 14 -27.57 -10.67 32.90
C ARG A 14 -27.24 -9.18 33.02
N ARG A 15 -27.86 -8.32 32.21
CA ARG A 15 -27.68 -6.87 32.32
C ARG A 15 -26.21 -6.48 32.18
N GLU A 16 -25.60 -6.91 31.07
CA GLU A 16 -24.15 -6.93 30.96
C GLU A 16 -23.73 -6.57 29.54
N GLY A 17 -22.57 -5.91 29.43
CA GLY A 17 -21.92 -5.72 28.16
C GLY A 17 -20.77 -6.68 27.97
N ALA A 18 -20.40 -6.90 26.70
CA ALA A 18 -19.27 -7.76 26.38
C ALA A 18 -17.96 -7.01 26.56
N PHE A 19 -16.94 -7.71 27.07
CA PHE A 19 -15.59 -7.19 27.03
C PHE A 19 -14.73 -8.12 26.19
N VAL A 20 -14.08 -7.56 25.17
CA VAL A 20 -13.37 -8.32 24.15
C VAL A 20 -11.94 -7.79 24.03
N PRO A 21 -10.97 -8.47 24.62
CA PRO A 21 -9.59 -8.06 24.42
C PRO A 21 -9.07 -8.48 23.05
N PHE A 22 -8.18 -7.65 22.50
CA PHE A 22 -7.42 -8.02 21.30
C PHE A 22 -6.02 -8.43 21.70
N VAL A 23 -5.51 -9.45 21.02
CA VAL A 23 -4.10 -9.80 21.17
C VAL A 23 -3.61 -10.44 19.88
N THR A 24 -2.32 -10.31 19.63
CA THR A 24 -1.69 -10.85 18.44
C THR A 24 -1.24 -12.28 18.71
N LEU A 25 -1.63 -13.20 17.82
CA LEU A 25 -1.28 -14.61 18.00
C LEU A 25 0.23 -14.82 17.88
N GLY A 26 0.80 -15.55 18.83
CA GLY A 26 2.21 -15.81 18.84
C GLY A 26 3.07 -14.74 19.47
N ASP A 27 2.48 -13.70 20.09
CA ASP A 27 3.24 -12.66 20.75
C ASP A 27 3.20 -12.86 22.25
N PRO A 28 4.35 -13.00 22.93
CA PRO A 28 5.71 -12.91 22.36
C PRO A 28 6.26 -14.26 21.90
N GLY A 29 5.40 -15.27 21.92
CA GLY A 29 5.77 -16.62 21.53
C GLY A 29 4.54 -17.48 21.67
N ILE A 30 4.58 -18.63 21.00
CA ILE A 30 3.34 -19.39 20.85
C ILE A 30 2.85 -19.93 22.18
N GLU A 31 3.71 -20.62 22.94
CA GLU A 31 3.25 -21.13 24.22
C GLU A 31 2.88 -19.99 25.17
N GLN A 32 3.70 -18.93 25.22
CA GLN A 32 3.34 -17.79 26.04
C GLN A 32 2.07 -17.12 25.53
N SER A 33 1.88 -17.08 24.21
CA SER A 33 0.62 -16.58 23.67
C SER A 33 -0.55 -17.45 24.11
N LEU A 34 -0.41 -18.77 24.06
CA LEU A 34 -1.47 -19.65 24.53
C LEU A 34 -1.77 -19.42 26.00
N LYS A 35 -0.73 -19.29 26.81
CA LYS A 35 -0.92 -18.93 28.23
C LYS A 35 -1.63 -17.60 28.38
N ILE A 36 -1.31 -16.62 27.54
CA ILE A 36 -1.93 -15.30 27.67
C ILE A 36 -3.43 -15.39 27.42
N ILE A 37 -3.83 -16.09 26.35
CA ILE A 37 -5.23 -16.16 25.98
C ILE A 37 -6.03 -16.93 27.03
N ASP A 38 -5.46 -18.02 27.56
CA ASP A 38 -6.13 -18.77 28.62
C ASP A 38 -6.35 -17.88 29.85
N THR A 39 -5.37 -17.03 30.14
CA THR A 39 -5.54 -16.08 31.25
C THR A 39 -6.63 -15.06 30.95
N LEU A 40 -6.68 -14.54 29.72
CA LEU A 40 -7.74 -13.61 29.36
C LEU A 40 -9.12 -14.22 29.58
N ILE A 41 -9.28 -15.48 29.16
CA ILE A 41 -10.58 -16.14 29.28
C ILE A 41 -10.90 -16.39 30.75
N ASP A 42 -9.97 -16.98 31.49
CA ASP A 42 -10.21 -17.21 32.91
C ASP A 42 -10.48 -15.92 33.67
N ALA A 43 -9.94 -14.79 33.18
CA ALA A 43 -10.14 -13.51 33.83
C ALA A 43 -11.49 -12.89 33.50
N GLY A 44 -12.19 -13.35 32.45
CA GLY A 44 -13.52 -12.85 32.18
C GLY A 44 -13.77 -12.30 30.79
N ALA A 45 -12.86 -12.49 29.85
CA ALA A 45 -13.11 -12.09 28.47
C ALA A 45 -14.34 -12.80 27.92
N ASP A 46 -15.27 -12.02 27.35
CA ASP A 46 -16.48 -12.60 26.78
C ASP A 46 -16.25 -13.16 25.40
N ALA A 47 -15.31 -12.57 24.65
CA ALA A 47 -14.94 -13.07 23.34
C ALA A 47 -13.49 -12.66 23.10
N LEU A 48 -12.91 -13.18 22.02
CA LEU A 48 -11.55 -12.84 21.65
C LEU A 48 -11.54 -12.22 20.27
N GLU A 49 -10.72 -11.20 20.11
CA GLU A 49 -10.27 -10.73 18.81
C GLU A 49 -8.79 -11.04 18.73
N LEU A 50 -8.41 -11.78 17.69
CA LEU A 50 -7.06 -12.30 17.54
C LEU A 50 -6.49 -11.83 16.22
N GLY A 51 -5.31 -11.23 16.26
CA GLY A 51 -4.61 -10.83 15.05
C GLY A 51 -3.61 -11.90 14.63
N VAL A 52 -3.49 -12.08 13.33
CA VAL A 52 -2.45 -12.93 12.75
C VAL A 52 -1.32 -12.03 12.27
N PRO A 53 -0.07 -12.25 12.70
CA PRO A 53 1.03 -11.36 12.31
C PRO A 53 1.13 -11.22 10.79
N PHE A 54 1.14 -9.98 10.33
CA PHE A 54 1.25 -9.64 8.93
C PHE A 54 2.38 -8.64 8.78
N SER A 55 3.09 -8.74 7.65
CA SER A 55 4.30 -7.93 7.50
C SER A 55 3.99 -6.46 7.45
N ASP A 56 2.81 -6.08 6.96
CA ASP A 56 2.50 -4.70 6.65
C ASP A 56 1.14 -4.28 7.18
N PRO A 57 0.99 -4.23 8.49
CA PRO A 57 -0.34 -3.94 9.08
C PRO A 57 -0.69 -2.47 8.99
N LEU A 58 -1.03 -2.03 7.78
CA LEU A 58 -1.19 -0.61 7.49
C LEU A 58 -2.38 0.02 8.20
N ALA A 59 -3.15 -0.74 8.98
CA ALA A 59 -4.27 -0.20 9.74
C ALA A 59 -4.05 -0.22 11.24
N ASP A 60 -2.85 -0.56 11.70
CA ASP A 60 -2.56 -0.77 13.11
C ASP A 60 -1.59 0.29 13.64
N GLY A 61 -1.75 0.63 14.92
CA GLY A 61 -0.85 1.54 15.59
C GLY A 61 0.43 0.86 16.00
N PRO A 62 1.32 1.63 16.64
CA PRO A 62 2.67 1.09 16.91
C PRO A 62 2.67 -0.07 17.91
N THR A 63 1.84 -0.02 18.96
CA THR A 63 1.81 -1.13 19.91
C THR A 63 1.56 -2.46 19.20
N ILE A 64 0.66 -2.46 18.21
CA ILE A 64 0.43 -3.69 17.46
C ILE A 64 1.54 -3.94 16.43
N GLN A 65 2.10 -2.88 15.84
CA GLN A 65 3.26 -3.08 14.96
C GLN A 65 4.37 -3.81 15.70
N ASN A 66 4.67 -3.39 16.93
CA ASN A 66 5.67 -4.06 17.73
C ASN A 66 5.26 -5.50 18.08
N ALA A 67 3.96 -5.73 18.30
CA ALA A 67 3.50 -7.08 18.61
C ALA A 67 3.75 -8.04 17.44
N ASN A 68 3.50 -7.59 16.21
CA ASN A 68 3.80 -8.42 15.05
C ASN A 68 5.29 -8.74 14.96
N LEU A 69 6.13 -7.75 15.25
CA LEU A 69 7.58 -7.97 15.18
C LEU A 69 8.05 -8.97 16.22
N ARG A 70 7.48 -8.93 17.42
CA ARG A 70 7.78 -9.95 18.41
C ARG A 70 7.34 -11.33 17.95
N ALA A 71 6.16 -11.42 17.34
CA ALA A 71 5.68 -12.71 16.85
C ALA A 71 6.55 -13.21 15.69
N PHE A 72 6.90 -12.32 14.75
CA PHE A 72 7.79 -12.71 13.66
C PHE A 72 9.16 -13.11 14.19
N ALA A 73 9.65 -12.42 15.21
CA ALA A 73 10.91 -12.82 15.84
C ALA A 73 10.79 -14.20 16.47
N ALA A 74 9.58 -14.61 16.82
CA ALA A 74 9.35 -15.95 17.33
C ALA A 74 9.07 -16.96 16.22
N GLY A 75 9.14 -16.54 14.96
CA GLY A 75 8.92 -17.46 13.86
C GLY A 75 7.48 -17.79 13.57
N VAL A 76 6.54 -16.99 14.07
CA VAL A 76 5.12 -17.28 13.94
C VAL A 76 4.69 -17.08 12.49
N THR A 77 4.00 -18.07 11.93
CA THR A 77 3.46 -18.02 10.58
C THR A 77 1.95 -18.17 10.63
N PRO A 78 1.23 -17.79 9.57
CA PRO A 78 -0.22 -18.03 9.56
C PRO A 78 -0.59 -19.47 9.85
N ALA A 79 0.14 -20.42 9.26
CA ALA A 79 -0.13 -21.84 9.52
C ALA A 79 -0.08 -22.14 11.00
N GLN A 80 0.97 -21.69 11.68
CA GLN A 80 1.06 -21.94 13.12
C GLN A 80 -0.05 -21.23 13.87
N CYS A 81 -0.44 -20.04 13.39
CA CYS A 81 -1.56 -19.32 13.98
C CYS A 81 -2.83 -20.16 13.98
N PHE A 82 -3.08 -20.87 12.88
CA PHE A 82 -4.26 -21.70 12.80
C PHE A 82 -4.14 -22.93 13.68
N GLU A 83 -2.92 -23.42 13.91
CA GLU A 83 -2.73 -24.45 14.93
C GLU A 83 -3.13 -23.93 16.30
N MET A 84 -2.76 -22.67 16.59
CA MET A 84 -3.18 -22.07 17.86
C MET A 84 -4.70 -21.93 17.92
N LEU A 85 -5.31 -21.49 16.81
CA LEU A 85 -6.76 -21.31 16.79
C LEU A 85 -7.48 -22.62 17.07
N ALA A 86 -6.97 -23.72 16.54
CA ALA A 86 -7.60 -25.01 16.81
C ALA A 86 -7.47 -25.36 18.28
N LEU A 87 -6.28 -25.18 18.85
CA LEU A 87 -6.07 -25.56 20.24
C LEU A 87 -6.91 -24.70 21.18
N ILE A 88 -6.97 -23.40 20.90
CA ILE A 88 -7.79 -22.49 21.70
C ILE A 88 -9.26 -22.93 21.67
N ARG A 89 -9.79 -23.21 20.47
CA ARG A 89 -11.19 -23.62 20.35
C ARG A 89 -11.44 -24.93 21.08
N GLU A 90 -10.49 -25.86 21.00
CA GLU A 90 -10.71 -27.14 21.66
C GLU A 90 -10.63 -27.02 23.17
N LYS A 91 -10.05 -25.95 23.70
CA LYS A 91 -10.07 -25.71 25.14
C LYS A 91 -11.31 -24.94 25.60
N HIS A 92 -11.89 -24.14 24.71
CA HIS A 92 -12.94 -23.20 25.05
C HIS A 92 -13.97 -23.30 23.94
N PRO A 93 -15.00 -24.12 24.13
CA PRO A 93 -15.93 -24.38 23.02
C PRO A 93 -16.93 -23.26 22.78
N THR A 94 -17.25 -22.45 23.79
CA THR A 94 -18.32 -21.47 23.65
C THR A 94 -17.82 -20.04 23.36
N ILE A 95 -16.58 -19.72 23.69
CA ILE A 95 -16.14 -18.33 23.52
C ILE A 95 -16.12 -17.98 22.03
N PRO A 96 -16.72 -16.86 21.63
CA PRO A 96 -16.59 -16.45 20.23
C PRO A 96 -15.17 -15.98 19.95
N ILE A 97 -14.65 -16.41 18.81
CA ILE A 97 -13.28 -16.15 18.40
C ILE A 97 -13.34 -15.40 17.08
N GLY A 98 -12.92 -14.15 17.09
CA GLY A 98 -12.82 -13.35 15.88
C GLY A 98 -11.36 -13.14 15.50
N LEU A 99 -11.11 -13.12 14.20
CA LEU A 99 -9.79 -12.78 13.68
C LEU A 99 -9.82 -11.37 13.10
N LEU A 100 -8.80 -10.60 13.39
CA LEU A 100 -8.52 -9.40 12.60
C LEU A 100 -7.44 -9.81 11.61
N MET A 101 -7.77 -9.76 10.33
CA MET A 101 -6.91 -10.22 9.27
C MET A 101 -6.58 -9.06 8.35
N TYR A 102 -5.48 -9.20 7.64
CA TYR A 102 -5.22 -8.37 6.48
C TYR A 102 -5.59 -9.14 5.23
N ALA A 103 -6.07 -8.40 4.23
CA ALA A 103 -6.65 -9.02 3.04
C ALA A 103 -5.70 -10.00 2.39
N ASN A 104 -4.40 -9.70 2.36
CA ASN A 104 -3.50 -10.57 1.63
C ASN A 104 -3.39 -11.96 2.25
N LEU A 105 -3.42 -12.05 3.59
CA LEU A 105 -3.39 -13.36 4.22
C LEU A 105 -4.67 -14.14 3.92
N VAL A 106 -5.78 -13.43 3.74
CA VAL A 106 -7.02 -14.09 3.35
C VAL A 106 -6.96 -14.51 1.89
N PHE A 107 -6.47 -13.61 1.02
CA PHE A 107 -6.44 -13.83 -0.41
C PHE A 107 -5.39 -14.86 -0.81
N ASN A 108 -4.41 -15.11 0.06
CA ASN A 108 -3.16 -15.73 -0.38
C ASN A 108 -3.37 -17.13 -0.93
N ASN A 109 -3.97 -18.02 -0.15
CA ASN A 109 -4.26 -19.37 -0.60
C ASN A 109 -5.69 -19.53 -1.09
N GLY A 110 -6.26 -18.49 -1.70
CA GLY A 110 -7.65 -18.53 -2.07
C GLY A 110 -8.53 -18.02 -0.95
N ILE A 111 -9.49 -17.15 -1.30
CA ILE A 111 -10.38 -16.57 -0.29
C ILE A 111 -11.27 -17.64 0.32
N ASP A 112 -11.96 -18.41 -0.52
CA ASP A 112 -12.84 -19.43 0.04
C ASP A 112 -12.06 -20.44 0.88
N ALA A 113 -10.86 -20.82 0.44
CA ALA A 113 -10.05 -21.74 1.24
C ALA A 113 -9.67 -21.15 2.58
N PHE A 114 -9.47 -19.83 2.67
CA PHE A 114 -9.15 -19.24 3.96
C PHE A 114 -10.33 -19.40 4.92
N TYR A 115 -11.54 -19.09 4.44
CA TYR A 115 -12.69 -19.14 5.32
C TYR A 115 -13.08 -20.58 5.64
N ALA A 116 -12.75 -21.51 4.74
CA ALA A 116 -12.93 -22.93 5.02
C ALA A 116 -12.03 -23.37 6.17
N ARG A 117 -10.80 -22.86 6.21
CA ARG A 117 -9.91 -23.20 7.31
C ARG A 117 -10.38 -22.57 8.63
N CYS A 118 -10.95 -21.35 8.57
CA CYS A 118 -11.54 -20.75 9.75
C CYS A 118 -12.62 -21.64 10.33
N GLU A 119 -13.51 -22.14 9.47
CA GLU A 119 -14.57 -23.02 9.91
C GLU A 119 -14.01 -24.31 10.51
N GLN A 120 -12.97 -24.88 9.89
CA GLN A 120 -12.34 -26.09 10.42
C GLN A 120 -11.84 -25.90 11.84
N VAL A 121 -11.18 -24.77 12.13
CA VAL A 121 -10.58 -24.55 13.43
C VAL A 121 -11.55 -23.93 14.43
N GLY A 122 -12.74 -23.55 14.01
CA GLY A 122 -13.76 -23.06 14.92
C GLY A 122 -13.83 -21.57 15.07
N VAL A 123 -13.28 -20.80 14.13
CA VAL A 123 -13.35 -19.35 14.19
C VAL A 123 -14.78 -18.91 13.94
N ASP A 124 -15.20 -17.87 14.65
CA ASP A 124 -16.57 -17.39 14.50
C ASP A 124 -16.70 -16.18 13.61
N SER A 125 -15.71 -15.29 13.58
CA SER A 125 -15.84 -14.09 12.79
C SER A 125 -14.48 -13.67 12.23
N VAL A 126 -14.53 -12.95 11.13
CA VAL A 126 -13.32 -12.38 10.54
C VAL A 126 -13.59 -10.93 10.17
N LEU A 127 -12.74 -10.04 10.67
CA LEU A 127 -12.66 -8.67 10.20
C LEU A 127 -11.43 -8.55 9.32
N VAL A 128 -11.62 -8.16 8.07
CA VAL A 128 -10.50 -7.93 7.19
C VAL A 128 -10.18 -6.44 7.24
N ALA A 129 -9.10 -6.10 7.95
CA ALA A 129 -8.81 -4.71 8.31
C ALA A 129 -8.78 -3.78 7.10
N ASP A 130 -8.30 -4.25 5.94
CA ASP A 130 -8.09 -3.39 4.79
C ASP A 130 -9.06 -3.68 3.64
N VAL A 131 -10.26 -4.17 3.96
CA VAL A 131 -11.32 -4.38 2.97
C VAL A 131 -12.53 -3.55 3.38
N PRO A 132 -12.76 -2.42 2.73
CA PRO A 132 -13.97 -1.65 3.04
C PRO A 132 -15.21 -2.37 2.53
N VAL A 133 -16.37 -1.98 3.07
CA VAL A 133 -17.61 -2.67 2.68
C VAL A 133 -17.80 -2.63 1.17
N GLU A 134 -17.26 -1.61 0.50
CA GLU A 134 -17.38 -1.47 -0.95
C GLU A 134 -16.63 -2.59 -1.69
N GLU A 135 -15.60 -3.16 -1.09
CA GLU A 135 -14.83 -4.22 -1.73
C GLU A 135 -15.10 -5.57 -1.11
N SER A 136 -16.10 -5.68 -0.23
CA SER A 136 -16.19 -6.79 0.67
C SER A 136 -16.87 -8.01 0.07
N ALA A 137 -17.61 -7.84 -1.03
CA ALA A 137 -18.50 -8.88 -1.55
C ALA A 137 -17.84 -10.26 -1.57
N PRO A 138 -16.70 -10.44 -2.24
CA PRO A 138 -16.13 -11.80 -2.30
C PRO A 138 -15.74 -12.33 -0.94
N PHE A 139 -15.37 -11.44 -0.02
CA PHE A 139 -14.97 -11.85 1.32
C PHE A 139 -16.19 -12.27 2.15
N ARG A 140 -17.23 -11.45 2.19
CA ARG A 140 -18.36 -11.82 3.04
C ARG A 140 -19.14 -12.98 2.46
N GLN A 141 -19.12 -13.16 1.14
CA GLN A 141 -19.75 -14.33 0.55
C GLN A 141 -19.06 -15.61 1.02
N ALA A 142 -17.73 -15.65 0.90
CA ALA A 142 -16.99 -16.82 1.37
C ALA A 142 -17.18 -17.03 2.87
N ALA A 143 -17.19 -15.94 3.63
CA ALA A 143 -17.45 -16.02 5.06
C ALA A 143 -18.76 -16.75 5.34
N LEU A 144 -19.84 -16.29 4.71
CA LEU A 144 -21.14 -16.88 4.98
C LEU A 144 -21.24 -18.32 4.48
N ARG A 145 -20.65 -18.60 3.32
CA ARG A 145 -20.64 -19.98 2.83
C ARG A 145 -19.98 -20.93 3.82
N HIS A 146 -19.15 -20.42 4.73
CA HIS A 146 -18.48 -21.26 5.70
C HIS A 146 -18.90 -20.90 7.12
N ASN A 147 -20.04 -20.25 7.27
CA ASN A 147 -20.62 -19.93 8.56
C ASN A 147 -19.70 -19.06 9.41
N ILE A 148 -18.94 -18.18 8.76
CA ILE A 148 -18.15 -17.17 9.45
C ILE A 148 -18.90 -15.85 9.36
N ALA A 149 -18.97 -15.15 10.47
CA ALA A 149 -19.55 -13.82 10.48
C ALA A 149 -18.55 -12.80 9.94
N PRO A 150 -18.86 -12.09 8.86
CA PRO A 150 -17.96 -11.03 8.38
C PRO A 150 -18.16 -9.76 9.19
N ILE A 151 -17.10 -9.27 9.81
CA ILE A 151 -17.15 -8.11 10.70
C ILE A 151 -16.74 -6.87 9.92
N PHE A 152 -17.46 -5.77 10.16
CA PHE A 152 -17.15 -4.51 9.50
C PHE A 152 -16.95 -3.42 10.52
N ILE A 153 -16.00 -2.54 10.22
CA ILE A 153 -15.76 -1.37 11.04
C ILE A 153 -16.75 -0.29 10.66
N CYS A 154 -17.42 0.26 11.65
CA CYS A 154 -18.16 1.49 11.42
C CYS A 154 -17.29 2.63 11.90
N PRO A 155 -16.70 3.44 11.01
CA PRO A 155 -15.73 4.47 11.44
C PRO A 155 -16.43 5.72 11.92
N PRO A 156 -15.70 6.63 12.59
CA PRO A 156 -16.37 7.85 13.09
C PRO A 156 -16.88 8.75 11.98
N ASN A 157 -16.24 8.76 10.81
CA ASN A 157 -16.67 9.58 9.69
C ASN A 157 -17.72 8.89 8.82
N ALA A 158 -18.57 8.04 9.40
CA ALA A 158 -19.52 7.25 8.61
C ALA A 158 -20.76 8.06 8.25
N ASP A 159 -21.16 7.99 6.99
CA ASP A 159 -22.40 8.56 6.49
C ASP A 159 -23.50 7.50 6.49
N ASP A 160 -24.68 7.90 6.01
CA ASP A 160 -25.86 7.04 6.13
C ASP A 160 -25.78 5.82 5.22
N ASP A 161 -25.29 6.00 3.99
CA ASP A 161 -25.19 4.87 3.07
C ASP A 161 -24.29 3.77 3.65
N LEU A 162 -23.22 4.17 4.35
CA LEU A 162 -22.33 3.19 4.94
C LEU A 162 -23.00 2.46 6.09
N LEU A 163 -23.72 3.20 6.95
CA LEU A 163 -24.45 2.57 8.04
C LEU A 163 -25.42 1.52 7.52
N ARG A 164 -26.14 1.83 6.43
CA ARG A 164 -27.03 0.85 5.82
C ARG A 164 -26.27 -0.39 5.37
N GLN A 165 -25.14 -0.19 4.68
CA GLN A 165 -24.34 -1.32 4.19
C GLN A 165 -23.76 -2.14 5.34
N VAL A 166 -23.18 -1.46 6.32
CA VAL A 166 -22.65 -2.17 7.49
C VAL A 166 -23.76 -2.96 8.18
N ALA A 167 -24.94 -2.35 8.31
CA ALA A 167 -26.06 -3.05 8.93
C ALA A 167 -26.49 -4.26 8.11
N SER A 168 -26.48 -4.13 6.77
CA SER A 168 -26.93 -5.23 5.91
C SER A 168 -25.91 -6.35 5.81
N TYR A 169 -24.64 -6.00 5.66
CA TYR A 169 -23.63 -6.99 5.31
C TYR A 169 -22.95 -7.59 6.53
N GLY A 170 -22.91 -6.85 7.64
CA GLY A 170 -22.23 -7.34 8.82
C GLY A 170 -23.02 -8.41 9.55
N ARG A 171 -22.29 -9.21 10.32
CA ARG A 171 -22.86 -10.27 11.13
C ARG A 171 -22.06 -10.37 12.41
N GLY A 172 -22.64 -11.03 13.40
CA GLY A 172 -21.94 -11.24 14.65
C GLY A 172 -21.91 -9.99 15.50
N TYR A 173 -21.09 -9.01 15.09
CA TYR A 173 -21.07 -7.74 15.80
C TYR A 173 -20.53 -6.66 14.86
N THR A 174 -20.88 -5.41 15.17
CA THR A 174 -20.40 -4.27 14.43
C THR A 174 -19.24 -3.64 15.21
N TYR A 175 -18.08 -3.59 14.58
CA TYR A 175 -16.91 -2.98 15.18
C TYR A 175 -17.05 -1.47 15.05
N LEU A 176 -17.28 -0.80 16.16
CA LEU A 176 -17.51 0.64 16.16
C LEU A 176 -16.24 1.35 16.63
N LEU A 177 -15.80 2.31 15.83
CA LEU A 177 -14.72 3.21 16.22
C LEU A 177 -15.35 4.59 16.35
N SER A 178 -15.64 5.02 17.57
CA SER A 178 -16.31 6.29 17.79
C SER A 178 -15.90 6.87 19.13
N ARG A 179 -16.40 8.07 19.42
CA ARG A 179 -16.09 8.80 20.66
C ARG A 179 -17.18 8.70 21.71
N SER A 180 -18.22 7.90 21.49
CA SER A 180 -19.25 7.66 22.50
C SER A 180 -18.64 6.89 23.67
N LEU A 193 -21.09 10.89 19.30
CA LEU A 193 -22.54 10.94 19.10
C LEU A 193 -23.08 9.54 18.91
N HIS A 194 -23.84 9.05 19.89
CA HIS A 194 -24.44 7.73 19.79
C HIS A 194 -25.51 7.71 18.71
N HIS A 195 -25.63 8.81 17.96
CA HIS A 195 -26.34 8.80 16.70
C HIS A 195 -25.98 7.56 15.90
N LEU A 196 -24.68 7.24 15.84
CA LEU A 196 -24.25 6.03 15.15
C LEU A 196 -24.85 4.79 15.80
N ILE A 197 -24.78 4.70 17.13
CA ILE A 197 -25.29 3.52 17.82
C ILE A 197 -26.79 3.38 17.65
N GLU A 198 -27.52 4.48 17.59
CA GLU A 198 -28.96 4.35 17.45
C GLU A 198 -29.36 4.04 16.01
N LYS A 199 -28.66 4.64 15.04
CA LYS A 199 -28.98 4.31 13.65
C LYS A 199 -28.60 2.86 13.32
N LEU A 200 -27.59 2.32 13.99
CA LEU A 200 -27.25 0.91 13.80
C LEU A 200 -28.32 0.00 14.39
N LYS A 201 -28.79 0.31 15.61
CA LYS A 201 -29.97 -0.37 16.14
C LYS A 201 -31.14 -0.21 15.18
N GLU A 202 -31.35 1.00 14.68
CA GLU A 202 -32.47 1.27 13.79
C GLU A 202 -32.42 0.38 12.56
N TYR A 203 -31.25 0.28 11.93
CA TYR A 203 -31.08 -0.57 10.75
C TYR A 203 -30.84 -2.03 11.10
N HIS A 204 -31.07 -2.42 12.36
CA HIS A 204 -30.96 -3.81 12.80
C HIS A 204 -29.58 -4.38 12.51
N ALA A 205 -28.57 -3.55 12.62
CA ALA A 205 -27.19 -4.01 12.50
C ALA A 205 -26.87 -5.00 13.60
N ALA A 206 -25.86 -5.82 13.36
CA ALA A 206 -25.33 -6.68 14.42
C ALA A 206 -24.97 -5.83 15.64
N PRO A 207 -25.00 -6.39 16.85
CA PRO A 207 -24.70 -5.59 18.05
C PRO A 207 -23.36 -4.87 17.94
N ALA A 208 -23.37 -3.58 18.30
CA ALA A 208 -22.17 -2.75 18.13
C ALA A 208 -21.24 -2.90 19.32
N LEU A 209 -19.99 -3.25 19.05
CA LEU A 209 -18.92 -3.20 20.03
C LEU A 209 -18.07 -1.95 19.79
N GLN A 210 -17.87 -1.16 20.85
CA GLN A 210 -17.06 0.05 20.78
C GLN A 210 -15.58 -0.32 20.88
N GLY A 211 -14.80 0.02 19.84
CA GLY A 211 -13.41 -0.37 19.81
C GLY A 211 -12.38 0.75 19.95
N PHE A 212 -12.82 2.00 20.00
CA PHE A 212 -11.89 3.13 20.05
C PHE A 212 -11.57 3.49 21.49
N GLY A 213 -10.28 3.54 21.82
CA GLY A 213 -9.83 4.09 23.09
C GLY A 213 -10.32 3.37 24.33
N ILE A 214 -10.38 2.05 24.28
CA ILE A 214 -10.87 1.26 25.40
C ILE A 214 -9.63 0.75 26.14
N SER A 215 -9.15 1.54 27.11
CA SER A 215 -7.99 1.12 27.89
C SER A 215 -8.20 1.21 29.40
N SER A 216 -9.38 1.58 29.87
CA SER A 216 -9.68 1.67 31.30
C SER A 216 -11.10 1.18 31.56
N PRO A 217 -11.38 0.71 32.78
CA PRO A 217 -12.74 0.22 33.07
C PRO A 217 -13.79 1.30 32.87
N GLU A 218 -13.42 2.56 33.09
CA GLU A 218 -14.35 3.66 32.92
C GLU A 218 -14.89 3.73 31.49
N GLN A 219 -14.03 3.42 30.51
CA GLN A 219 -14.47 3.50 29.12
C GLN A 219 -15.33 2.31 28.73
N VAL A 220 -15.10 1.14 29.34
CA VAL A 220 -16.01 0.01 29.16
C VAL A 220 -17.41 0.35 29.66
N SER A 221 -17.50 0.89 30.89
CA SER A 221 -18.81 1.30 31.41
C SER A 221 -19.44 2.37 30.52
N ALA A 222 -18.64 3.32 30.08
CA ALA A 222 -19.16 4.41 29.24
C ALA A 222 -19.73 3.89 27.93
N ALA A 223 -19.06 2.93 27.29
CA ALA A 223 -19.56 2.44 26.01
C ALA A 223 -20.89 1.72 26.17
N VAL A 224 -21.02 0.87 27.21
CA VAL A 224 -22.28 0.19 27.47
C VAL A 224 -23.40 1.20 27.72
N ARG A 225 -23.14 2.20 28.56
CA ARG A 225 -24.12 3.24 28.84
C ARG A 225 -24.56 3.98 27.57
N ALA A 226 -23.65 4.16 26.62
CA ALA A 226 -24.03 4.78 25.36
C ALA A 226 -24.94 3.89 24.52
N GLY A 227 -25.12 2.61 24.87
CA GLY A 227 -25.94 1.69 24.10
C GLY A 227 -25.16 0.62 23.35
N ALA A 228 -23.84 0.70 23.32
CA ALA A 228 -23.07 -0.36 22.69
C ALA A 228 -23.25 -1.67 23.44
N ALA A 229 -23.18 -2.78 22.71
CA ALA A 229 -23.30 -4.06 23.39
C ALA A 229 -22.05 -4.45 24.17
N GLY A 230 -21.00 -3.64 24.11
CA GLY A 230 -19.77 -3.97 24.80
C GLY A 230 -18.62 -3.19 24.21
N ALA A 231 -17.41 -3.60 24.57
CA ALA A 231 -16.21 -2.85 24.21
C ALA A 231 -15.05 -3.78 23.87
N ILE A 232 -14.21 -3.33 22.93
CA ILE A 232 -13.01 -4.04 22.53
C ILE A 232 -11.80 -3.21 22.92
N SER A 233 -10.86 -3.83 23.64
CA SER A 233 -9.60 -3.17 23.99
C SER A 233 -8.56 -3.57 22.94
N GLY A 234 -8.36 -2.70 21.95
CA GLY A 234 -7.53 -3.05 20.80
C GLY A 234 -6.04 -3.05 21.07
N SER A 235 -5.58 -2.28 22.07
CA SER A 235 -4.16 -2.10 22.37
C SER A 235 -3.74 -2.44 23.79
N ALA A 236 -4.62 -2.26 24.78
CA ALA A 236 -4.16 -2.23 26.17
C ALA A 236 -3.58 -3.57 26.60
N ILE A 237 -4.20 -4.68 26.19
CA ILE A 237 -3.65 -6.00 26.47
C ILE A 237 -2.22 -6.08 25.95
N VAL A 238 -2.03 -5.75 24.67
CA VAL A 238 -0.71 -5.84 24.06
C VAL A 238 0.30 -4.96 24.80
N LYS A 239 -0.14 -3.78 25.26
CA LYS A 239 0.74 -2.94 26.06
C LYS A 239 1.20 -3.65 27.33
N ILE A 240 0.26 -4.29 28.03
CA ILE A 240 0.62 -5.01 29.26
C ILE A 240 1.60 -6.13 28.96
N ILE A 241 1.47 -6.77 27.80
CA ILE A 241 2.45 -7.77 27.38
C ILE A 241 3.80 -7.10 27.09
N GLU A 242 3.79 -6.02 26.31
CA GLU A 242 5.03 -5.34 25.95
C GLU A 242 5.79 -4.87 27.19
N LYS A 243 5.08 -4.37 28.19
CA LYS A 243 5.75 -3.86 29.40
C LYS A 243 6.34 -4.98 30.24
N ASN A 244 5.76 -6.18 30.19
CA ASN A 244 6.15 -7.26 31.07
C ASN A 244 6.87 -8.37 30.32
N LEU A 245 7.66 -7.99 29.32
CA LEU A 245 8.41 -9.00 28.57
C LEU A 245 9.45 -9.67 29.45
N ALA A 246 10.02 -8.93 30.40
CA ALA A 246 11.04 -9.49 31.28
C ALA A 246 10.49 -10.59 32.19
N SER A 247 9.22 -10.52 32.56
CA SER A 247 8.67 -11.44 33.56
C SER A 247 7.36 -12.03 33.07
N PRO A 248 7.37 -13.27 32.57
CA PRO A 248 6.12 -13.88 32.08
C PRO A 248 5.04 -14.01 33.13
N LYS A 249 5.40 -14.16 34.41
CA LYS A 249 4.42 -14.44 35.45
C LYS A 249 3.78 -13.17 35.98
N GLN A 250 4.53 -12.07 36.08
CA GLN A 250 3.87 -10.79 36.35
C GLN A 250 3.05 -10.33 35.14
N MET A 251 3.38 -10.81 33.94
CA MET A 251 2.54 -10.50 32.77
C MET A 251 1.18 -11.18 32.90
N LEU A 252 1.17 -12.48 33.19
CA LEU A 252 -0.11 -13.18 33.33
C LEU A 252 -0.92 -12.59 34.48
N ALA A 253 -0.24 -12.19 35.56
CA ALA A 253 -0.95 -11.65 36.72
C ALA A 253 -1.58 -10.29 36.41
N GLU A 254 -0.84 -9.40 35.74
CA GLU A 254 -1.40 -8.10 35.41
C GLU A 254 -2.47 -8.20 34.32
N LEU A 255 -2.32 -9.16 33.39
CA LEU A 255 -3.38 -9.43 32.44
C LEU A 255 -4.67 -9.83 33.14
N ARG A 256 -4.58 -10.76 34.10
CA ARG A 256 -5.77 -11.21 34.81
C ARG A 256 -6.43 -10.08 35.57
N SER A 257 -5.64 -9.26 36.26
CA SER A 257 -6.23 -8.19 37.06
C SER A 257 -6.84 -7.12 36.17
N PHE A 258 -6.18 -6.81 35.05
CA PHE A 258 -6.74 -5.82 34.14
C PHE A 258 -8.04 -6.32 33.52
N VAL A 259 -8.04 -7.57 33.04
CA VAL A 259 -9.22 -8.07 32.32
C VAL A 259 -10.42 -8.19 33.25
N SER A 260 -10.23 -8.66 34.48
CA SER A 260 -11.36 -8.75 35.39
C SER A 260 -11.83 -7.35 35.80
N ALA A 261 -10.91 -6.43 36.06
CA ALA A 261 -11.28 -5.03 36.22
C ALA A 261 -12.15 -4.55 35.05
N MET A 262 -11.73 -4.85 33.82
CA MET A 262 -12.50 -4.41 32.66
C MET A 262 -13.83 -5.13 32.57
N LYS A 263 -13.83 -6.44 32.81
CA LYS A 263 -15.06 -7.21 32.74
C LYS A 263 -16.06 -6.77 33.80
N ALA A 264 -15.58 -6.49 35.03
CA ALA A 264 -16.48 -6.06 36.09
C ALA A 264 -17.13 -4.72 35.77
N ALA A 265 -16.47 -3.91 34.94
CA ALA A 265 -17.01 -2.63 34.52
C ALA A 265 -18.15 -2.75 33.51
N SER A 266 -18.28 -3.91 32.85
CA SER A 266 -19.36 -4.09 31.88
C SER A 266 -20.65 -4.52 32.55
N ARG A 267 -20.60 -4.90 33.83
N ARG A 267 -20.58 -4.95 33.81
CA ARG A 267 -21.80 -5.23 34.59
CA ARG A 267 -21.76 -5.18 34.63
C ARG A 267 -22.54 -3.96 34.98
C ARG A 267 -22.41 -3.82 34.89
N ALA A 268 -23.41 -3.48 34.10
CA ALA A 268 -24.19 -2.28 34.34
C ALA A 268 -25.47 -2.67 35.06
N THR B 2 -19.99 3.83 -3.94
CA THR B 2 -19.96 4.00 -5.37
C THR B 2 -18.87 5.01 -5.75
N THR B 3 -18.34 4.91 -6.97
CA THR B 3 -17.29 5.78 -7.44
C THR B 3 -17.69 6.39 -8.78
N LEU B 4 -17.07 7.53 -9.09
CA LEU B 4 -17.32 8.13 -10.40
C LEU B 4 -16.64 7.35 -11.51
N LEU B 5 -15.49 6.75 -11.22
CA LEU B 5 -14.67 6.05 -12.19
C LEU B 5 -14.46 4.62 -11.74
N ASN B 6 -14.15 3.76 -12.69
CA ASN B 6 -13.94 2.34 -12.42
C ASN B 6 -12.66 2.17 -11.60
N PRO B 7 -12.73 1.59 -10.41
CA PRO B 7 -11.51 1.37 -9.62
C PRO B 7 -10.62 0.26 -10.13
N TYR B 8 -11.05 -0.52 -11.13
CA TYR B 8 -10.38 -1.73 -11.56
C TYR B 8 -9.89 -1.63 -13.00
N PHE B 9 -8.77 -2.27 -13.26
CA PHE B 9 -8.27 -2.51 -14.61
C PHE B 9 -8.35 -4.01 -14.79
N GLY B 10 -9.36 -4.47 -15.51
CA GLY B 10 -9.64 -5.89 -15.51
C GLY B 10 -9.85 -6.35 -14.08
N GLU B 11 -9.05 -7.33 -13.64
CA GLU B 11 -9.16 -7.86 -12.29
C GLU B 11 -8.30 -7.10 -11.28
N PHE B 12 -7.51 -6.14 -11.72
CA PHE B 12 -6.50 -5.54 -10.87
C PHE B 12 -6.94 -4.16 -10.40
N GLY B 13 -6.47 -3.77 -9.22
CA GLY B 13 -6.77 -2.45 -8.71
C GLY B 13 -7.64 -2.48 -7.47
N GLY B 14 -8.68 -1.68 -7.45
CA GLY B 14 -9.54 -1.56 -6.29
C GLY B 14 -9.10 -0.50 -5.28
N MET B 15 -9.75 -0.58 -4.13
CA MET B 15 -9.61 0.35 -3.05
C MET B 15 -9.56 -0.45 -1.75
N TYR B 16 -8.49 -1.19 -1.57
CA TYR B 16 -8.35 -2.06 -0.42
C TYR B 16 -7.72 -1.30 0.74
N VAL B 17 -8.52 -0.42 1.33
CA VAL B 17 -8.06 0.39 2.46
C VAL B 17 -9.00 0.20 3.63
N PRO B 18 -8.54 0.46 4.84
CA PRO B 18 -9.45 0.60 5.98
C PRO B 18 -10.62 1.52 5.65
N GLN B 19 -11.80 1.16 6.17
CA GLN B 19 -13.02 1.91 5.89
C GLN B 19 -12.86 3.40 6.16
N ILE B 20 -12.09 3.77 7.18
CA ILE B 20 -11.97 5.17 7.57
C ILE B 20 -11.39 6.00 6.42
N LEU B 21 -10.59 5.38 5.55
CA LEU B 21 -9.95 6.08 4.44
C LEU B 21 -10.82 6.19 3.21
N MET B 22 -11.93 5.47 3.13
CA MET B 22 -12.77 5.58 1.94
C MET B 22 -13.23 7.00 1.65
N PRO B 23 -13.71 7.80 2.63
CA PRO B 23 -14.06 9.19 2.31
C PRO B 23 -12.89 10.00 1.75
N ALA B 24 -11.68 9.76 2.24
CA ALA B 24 -10.53 10.47 1.69
C ALA B 24 -10.32 10.13 0.21
N LEU B 25 -10.49 8.86 -0.14
CA LEU B 25 -10.37 8.45 -1.54
C LEU B 25 -11.55 8.95 -2.36
N ASN B 26 -12.76 8.91 -1.82
CA ASN B 26 -13.89 9.44 -2.56
C ASN B 26 -13.77 10.94 -2.76
N GLN B 27 -13.30 11.65 -1.74
CA GLN B 27 -13.07 13.08 -1.90
C GLN B 27 -12.03 13.36 -2.99
N LEU B 28 -10.94 12.61 -2.99
CA LEU B 28 -9.88 12.83 -3.97
C LEU B 28 -10.36 12.55 -5.39
N GLU B 29 -11.10 11.46 -5.59
CA GLU B 29 -11.60 11.14 -6.92
C GLU B 29 -12.53 12.23 -7.45
N GLU B 30 -13.39 12.77 -6.59
CA GLU B 30 -14.29 13.82 -7.05
C GLU B 30 -13.52 15.09 -7.41
N ALA B 31 -12.52 15.46 -6.61
CA ALA B 31 -11.72 16.63 -6.93
C ALA B 31 -10.95 16.42 -8.23
N PHE B 32 -10.45 15.21 -8.46
CA PHE B 32 -9.72 14.91 -9.68
C PHE B 32 -10.63 15.00 -10.91
N VAL B 33 -11.79 14.33 -10.86
CA VAL B 33 -12.73 14.37 -11.98
C VAL B 33 -13.13 15.81 -12.27
N SER B 34 -13.35 16.59 -11.22
CA SER B 34 -13.70 17.99 -11.41
C SER B 34 -12.50 18.77 -11.97
N ALA B 35 -11.31 18.57 -11.42
CA ALA B 35 -10.13 19.27 -11.92
C ALA B 35 -9.90 18.98 -13.40
N GLN B 36 -10.11 17.73 -13.83
CA GLN B 36 -9.89 17.34 -15.22
C GLN B 36 -10.88 17.99 -16.17
N LYS B 37 -12.03 18.43 -15.69
CA LYS B 37 -12.99 19.14 -16.52
C LYS B 37 -12.81 20.66 -16.40
N ASP B 38 -11.81 21.11 -15.66
CA ASP B 38 -11.70 22.52 -15.31
C ASP B 38 -10.59 23.19 -16.12
N PRO B 39 -10.92 24.03 -17.08
CA PRO B 39 -9.86 24.72 -17.85
C PRO B 39 -8.89 25.50 -16.98
N GLU B 40 -9.36 26.16 -15.91
CA GLU B 40 -8.44 26.94 -15.09
C GLU B 40 -7.44 26.02 -14.37
N PHE B 41 -7.85 24.82 -13.99
CA PHE B 41 -6.91 23.87 -13.41
C PHE B 41 -5.88 23.41 -14.45
N GLN B 42 -6.33 23.13 -15.67
CA GLN B 42 -5.41 22.63 -16.68
C GLN B 42 -4.38 23.69 -17.05
N ALA B 43 -4.80 24.96 -17.08
CA ALA B 43 -3.89 26.06 -17.39
C ALA B 43 -2.86 26.26 -16.28
N GLN B 44 -3.30 26.21 -15.02
CA GLN B 44 -2.35 26.29 -13.91
C GLN B 44 -1.34 25.14 -13.99
N PHE B 45 -1.84 23.93 -14.21
CA PHE B 45 -0.97 22.76 -14.31
C PHE B 45 0.02 22.92 -15.46
N ALA B 46 -0.47 23.26 -16.65
CA ALA B 46 0.39 23.49 -17.81
C ALA B 46 1.43 24.57 -17.52
N ASP B 47 1.03 25.63 -16.80
CA ASP B 47 1.94 26.73 -16.52
C ASP B 47 3.11 26.26 -15.65
N LEU B 48 2.82 25.55 -14.57
CA LEU B 48 3.88 25.03 -13.70
C LEU B 48 4.80 24.10 -14.47
N LEU B 49 4.23 23.20 -15.29
CA LEU B 49 5.06 22.25 -16.02
C LEU B 49 6.00 22.96 -16.97
N LYS B 50 5.48 23.93 -17.72
CA LYS B 50 6.30 24.63 -18.69
C LYS B 50 7.29 25.56 -18.01
N ASN B 51 6.80 26.46 -17.14
CA ASN B 51 7.58 27.58 -16.60
C ASN B 51 8.31 27.25 -15.32
N TYR B 52 7.95 26.17 -14.63
CA TYR B 52 8.72 25.77 -13.46
C TYR B 52 9.48 24.47 -13.66
N ALA B 53 8.83 23.43 -14.22
CA ALA B 53 9.50 22.15 -14.38
C ALA B 53 10.31 22.06 -15.66
N GLY B 54 9.97 22.86 -16.67
CA GLY B 54 10.74 22.92 -17.88
C GLY B 54 10.23 22.11 -19.05
N ARG B 55 8.95 21.73 -19.09
CA ARG B 55 8.40 20.99 -20.21
C ARG B 55 8.17 21.94 -21.38
N PRO B 56 8.13 21.42 -22.63
CA PRO B 56 8.31 20.01 -23.02
C PRO B 56 9.77 19.60 -22.92
N THR B 57 10.01 18.34 -22.55
CA THR B 57 11.38 17.85 -22.55
C THR B 57 11.77 17.42 -23.95
N ALA B 58 13.07 17.40 -24.21
CA ALA B 58 13.56 17.06 -25.52
C ALA B 58 13.31 15.58 -25.83
N LEU B 59 13.28 15.28 -27.12
CA LEU B 59 13.35 13.90 -27.62
C LEU B 59 14.66 13.79 -28.39
N THR B 60 15.64 13.11 -27.81
CA THR B 60 17.00 13.08 -28.34
C THR B 60 17.28 11.82 -29.14
N LYS B 61 17.74 11.99 -30.38
CA LYS B 61 18.15 10.88 -31.22
C LYS B 61 19.56 10.40 -30.85
N CYS B 62 19.69 9.10 -30.57
CA CYS B 62 21.01 8.49 -30.33
C CYS B 62 21.58 7.99 -31.64
N GLN B 63 22.53 8.70 -32.21
CA GLN B 63 23.14 8.12 -33.41
C GLN B 63 24.41 7.29 -33.13
N ASN B 64 25.25 7.69 -32.16
CA ASN B 64 26.42 6.87 -31.85
C ASN B 64 26.03 5.49 -31.37
N ILE B 65 24.96 5.41 -30.58
CA ILE B 65 24.55 4.16 -29.94
C ILE B 65 24.23 3.09 -30.97
N THR B 66 23.52 3.48 -32.03
CA THR B 66 22.90 2.53 -32.94
C THR B 66 23.72 2.28 -34.19
N ALA B 67 24.89 2.92 -34.31
CA ALA B 67 25.74 2.76 -35.48
C ALA B 67 26.03 1.30 -35.74
N GLY B 68 25.96 0.93 -37.01
CA GLY B 68 26.12 -0.45 -37.42
C GLY B 68 24.85 -1.27 -37.38
N THR B 69 23.75 -0.72 -36.87
CA THR B 69 22.49 -1.43 -36.84
C THR B 69 21.47 -0.65 -37.65
N ARG B 70 20.29 -1.23 -37.80
CA ARG B 70 19.17 -0.55 -38.42
C ARG B 70 18.16 -0.09 -37.39
N THR B 71 18.57 -0.02 -36.12
CA THR B 71 17.74 0.57 -35.07
C THR B 71 17.93 2.09 -35.06
N THR B 72 16.85 2.83 -34.94
CA THR B 72 16.88 4.25 -34.62
C THR B 72 16.38 4.40 -33.20
N LEU B 73 17.18 5.02 -32.33
CA LEU B 73 16.88 5.15 -30.91
C LEU B 73 16.70 6.63 -30.53
N TYR B 74 15.56 6.94 -29.94
CA TYR B 74 15.31 8.25 -29.34
C TYR B 74 15.17 8.08 -27.85
N LEU B 75 15.66 9.06 -27.10
CA LEU B 75 15.48 9.13 -25.66
C LEU B 75 14.52 10.27 -25.31
N LYS B 76 13.46 9.95 -24.57
CA LYS B 76 12.61 10.98 -23.99
C LYS B 76 13.29 11.50 -22.72
N ARG B 77 13.68 12.78 -22.71
CA ARG B 77 14.59 13.31 -21.69
C ARG B 77 13.84 13.87 -20.47
N GLU B 78 13.18 12.96 -19.75
CA GLU B 78 12.67 13.36 -18.44
C GLU B 78 13.78 13.58 -17.44
N ASP B 79 15.02 13.20 -17.77
CA ASP B 79 16.15 13.58 -16.96
C ASP B 79 16.38 15.09 -16.94
N LEU B 80 15.89 15.83 -17.94
CA LEU B 80 16.06 17.28 -18.00
C LEU B 80 14.97 18.04 -17.26
N LEU B 81 14.02 17.32 -16.67
CA LEU B 81 12.97 17.95 -15.87
C LEU B 81 13.56 18.48 -14.58
N HIS B 82 13.02 19.61 -14.10
CA HIS B 82 13.37 20.10 -12.77
C HIS B 82 13.19 18.99 -11.74
N GLY B 83 14.23 18.78 -10.94
CA GLY B 83 14.32 17.67 -10.02
C GLY B 83 15.11 16.49 -10.54
N GLY B 84 15.28 16.38 -11.86
CA GLY B 84 16.07 15.32 -12.42
C GLY B 84 15.33 14.04 -12.75
N ALA B 85 14.01 13.97 -12.52
CA ALA B 85 13.26 12.76 -12.79
C ALA B 85 11.83 13.12 -13.18
N HIS B 86 11.14 12.14 -13.74
CA HIS B 86 9.76 12.35 -14.15
C HIS B 86 8.81 12.63 -13.00
N LYS B 87 9.23 12.32 -11.76
CA LYS B 87 8.37 12.46 -10.58
C LYS B 87 7.77 13.85 -10.47
N THR B 88 8.49 14.85 -10.95
CA THR B 88 8.05 16.23 -10.80
C THR B 88 6.71 16.49 -11.49
N ASN B 89 6.45 15.80 -12.62
CA ASN B 89 5.21 16.06 -13.35
C ASN B 89 4.00 15.87 -12.44
N GLN B 90 3.88 14.69 -11.83
CA GLN B 90 2.66 14.35 -11.15
C GLN B 90 2.56 14.97 -9.76
N VAL B 91 3.69 15.32 -9.12
CA VAL B 91 3.56 15.98 -7.82
C VAL B 91 3.06 17.40 -8.01
N LEU B 92 3.36 18.02 -9.15
CA LEU B 92 2.82 19.34 -9.41
C LEU B 92 1.31 19.26 -9.57
N GLY B 93 0.83 18.25 -10.29
CA GLY B 93 -0.61 18.05 -10.41
C GLY B 93 -1.26 17.69 -9.07
N GLN B 94 -0.66 16.76 -8.33
CA GLN B 94 -1.25 16.39 -7.04
C GLN B 94 -1.24 17.54 -6.04
N ALA B 95 -0.18 18.35 -6.06
CA ALA B 95 -0.10 19.49 -5.17
C ALA B 95 -1.18 20.51 -5.49
N LEU B 96 -1.50 20.68 -6.78
CA LEU B 96 -2.62 21.54 -7.15
C LEU B 96 -3.96 20.91 -6.78
N LEU B 97 -4.06 19.58 -6.83
CA LEU B 97 -5.26 18.91 -6.33
C LEU B 97 -5.43 19.15 -4.84
N ALA B 98 -4.33 19.04 -4.09
CA ALA B 98 -4.40 19.27 -2.65
C ALA B 98 -4.96 20.66 -2.36
N LYS B 99 -4.44 21.67 -3.06
CA LYS B 99 -4.95 23.03 -2.85
C LYS B 99 -6.37 23.19 -3.34
N ARG B 100 -6.76 22.47 -4.40
CA ARG B 100 -8.14 22.52 -4.85
C ARG B 100 -9.09 21.90 -3.83
N MET B 101 -8.59 21.00 -2.98
CA MET B 101 -9.37 20.41 -1.91
C MET B 101 -9.24 21.15 -0.59
N GLY B 102 -8.57 22.30 -0.59
CA GLY B 102 -8.42 23.07 0.63
C GLY B 102 -7.38 22.55 1.60
N LYS B 103 -6.49 21.67 1.16
CA LYS B 103 -5.51 21.04 2.04
C LYS B 103 -4.25 21.88 2.10
N SER B 104 -3.60 21.86 3.26
CA SER B 104 -2.40 22.65 3.47
C SER B 104 -1.19 21.82 3.83
N GLU B 105 -1.34 20.51 4.00
CA GLU B 105 -0.24 19.63 4.27
C GLU B 105 -0.12 18.54 3.22
N ILE B 106 1.11 18.09 3.00
CA ILE B 106 1.41 16.99 2.10
C ILE B 106 2.03 15.88 2.92
N ILE B 107 1.55 14.66 2.71
CA ILE B 107 2.22 13.44 3.14
C ILE B 107 2.78 12.75 1.89
N ALA B 108 4.04 12.32 1.97
CA ALA B 108 4.60 11.54 0.89
C ALA B 108 5.44 10.42 1.48
N GLU B 109 5.63 9.40 0.66
CA GLU B 109 6.50 8.27 0.95
C GLU B 109 7.58 8.28 -0.12
N THR B 110 8.76 7.78 0.23
CA THR B 110 9.81 7.69 -0.78
C THR B 110 10.77 6.56 -0.44
N GLY B 111 11.34 5.96 -1.48
CA GLY B 111 12.31 4.90 -1.30
C GLY B 111 13.71 5.39 -1.62
N ALA B 112 13.96 5.62 -2.91
CA ALA B 112 15.23 6.19 -3.33
C ALA B 112 15.41 7.63 -2.85
N GLY B 113 14.31 8.36 -2.64
CA GLY B 113 14.36 9.75 -2.25
C GLY B 113 13.96 10.71 -3.35
N GLN B 114 13.79 10.22 -4.59
N GLN B 114 13.84 10.23 -4.60
CA GLN B 114 13.42 11.09 -5.70
CA GLN B 114 13.42 11.11 -5.67
C GLN B 114 11.98 11.55 -5.63
C GLN B 114 12.01 11.62 -5.42
N HIS B 115 11.08 10.72 -5.11
CA HIS B 115 9.72 11.16 -4.93
C HIS B 115 9.62 12.09 -3.73
N GLY B 116 10.41 11.82 -2.69
CA GLY B 116 10.46 12.74 -1.58
C GLY B 116 10.92 14.11 -2.02
N VAL B 117 11.95 14.16 -2.86
CA VAL B 117 12.52 15.43 -3.31
C VAL B 117 11.51 16.17 -4.17
N ALA B 118 10.84 15.46 -5.09
CA ALA B 118 9.80 16.09 -5.89
C ALA B 118 8.67 16.61 -5.01
N SER B 119 8.26 15.81 -4.02
CA SER B 119 7.16 16.23 -3.15
C SER B 119 7.55 17.48 -2.37
N ALA B 120 8.79 17.52 -1.87
CA ALA B 120 9.28 18.66 -1.12
C ALA B 120 9.40 19.90 -2.00
N LEU B 121 9.84 19.74 -3.25
CA LEU B 121 9.97 20.93 -4.09
C LEU B 121 8.59 21.46 -4.48
N ALA B 122 7.65 20.56 -4.74
CA ALA B 122 6.29 20.98 -5.05
C ALA B 122 5.64 21.66 -3.86
N SER B 123 5.84 21.11 -2.66
CA SER B 123 5.26 21.71 -1.47
C SER B 123 5.85 23.08 -1.19
N ALA B 124 7.16 23.22 -1.35
CA ALA B 124 7.82 24.50 -1.20
C ALA B 124 7.26 25.53 -2.18
N LEU B 125 7.20 25.16 -3.46
CA LEU B 125 6.69 26.11 -4.44
C LEU B 125 5.28 26.56 -4.10
N LEU B 126 4.42 25.63 -3.71
CA LEU B 126 3.00 25.90 -3.61
C LEU B 126 2.54 26.26 -2.19
N GLY B 127 3.44 26.38 -1.22
CA GLY B 127 3.02 26.78 0.11
C GLY B 127 2.38 25.69 0.92
N LEU B 128 2.79 24.45 0.75
CA LEU B 128 2.27 23.33 1.50
C LEU B 128 3.31 22.84 2.48
N LYS B 129 2.88 22.52 3.69
CA LYS B 129 3.77 21.87 4.63
C LYS B 129 3.84 20.39 4.27
N CYS B 130 5.06 19.89 4.16
CA CYS B 130 5.31 18.58 3.60
C CYS B 130 6.00 17.72 4.63
N ARG B 131 5.47 16.53 4.88
CA ARG B 131 6.18 15.55 5.68
C ARG B 131 6.32 14.27 4.87
N ILE B 132 7.50 13.67 4.95
CA ILE B 132 7.90 12.59 4.07
C ILE B 132 8.31 11.41 4.93
N TYR B 133 7.70 10.25 4.66
CA TYR B 133 8.03 9.02 5.36
C TYR B 133 9.01 8.21 4.52
N MET B 134 10.05 7.71 5.17
CA MET B 134 11.13 7.02 4.46
C MET B 134 11.66 5.94 5.38
N GLY B 135 11.77 4.72 4.86
CA GLY B 135 12.27 3.63 5.68
C GLY B 135 13.65 3.95 6.23
N ALA B 136 13.88 3.59 7.48
CA ALA B 136 15.13 3.97 8.14
C ALA B 136 16.36 3.45 7.38
N LYS B 137 16.26 2.29 6.72
CA LYS B 137 17.39 1.83 5.93
C LYS B 137 17.61 2.70 4.69
N ASP B 138 16.51 3.17 4.09
CA ASP B 138 16.63 4.06 2.94
C ASP B 138 17.17 5.43 3.36
N VAL B 139 16.75 5.93 4.52
CA VAL B 139 17.32 7.18 5.02
C VAL B 139 18.83 7.05 5.18
N GLU B 140 19.27 5.99 5.87
CA GLU B 140 20.69 5.66 6.00
C GLU B 140 21.44 5.83 4.68
N ARG B 141 20.89 5.23 3.64
CA ARG B 141 21.52 5.00 2.36
C ARG B 141 21.31 6.14 1.38
N GLN B 142 20.46 7.11 1.71
CA GLN B 142 20.12 8.18 0.78
C GLN B 142 20.23 9.56 1.45
N SER B 143 21.24 9.74 2.30
CA SER B 143 21.45 11.03 2.98
C SER B 143 21.49 12.24 2.04
N PRO B 144 22.01 12.16 0.80
CA PRO B 144 21.91 13.35 -0.07
C PRO B 144 20.47 13.75 -0.36
N ASN B 145 19.66 12.80 -0.80
CA ASN B 145 18.26 13.10 -1.06
C ASN B 145 17.55 13.54 0.22
N VAL B 146 17.89 12.93 1.35
CA VAL B 146 17.31 13.38 2.61
C VAL B 146 17.69 14.83 2.89
N PHE B 147 18.95 15.19 2.67
CA PHE B 147 19.35 16.57 2.91
C PHE B 147 18.65 17.51 1.94
N ARG B 148 18.48 17.10 0.69
CA ARG B 148 17.73 17.89 -0.28
C ARG B 148 16.33 18.19 0.23
N MET B 149 15.62 17.13 0.66
CA MET B 149 14.27 17.32 1.18
C MET B 149 14.24 18.33 2.32
N ARG B 150 15.18 18.21 3.26
CA ARG B 150 15.17 19.08 4.42
C ARG B 150 15.52 20.53 4.04
N LEU B 151 16.44 20.72 3.09
CA LEU B 151 16.72 22.07 2.59
C LEU B 151 15.48 22.71 2.03
N MET B 152 14.59 21.91 1.45
CA MET B 152 13.38 22.44 0.84
C MET B 152 12.23 22.54 1.82
N GLY B 153 12.49 22.36 3.11
CA GLY B 153 11.50 22.62 4.13
C GLY B 153 10.69 21.42 4.57
N ALA B 154 10.95 20.26 3.99
CA ALA B 154 10.17 19.07 4.30
C ALA B 154 10.66 18.43 5.59
N GLU B 155 9.70 17.83 6.32
CA GLU B 155 10.01 16.97 7.45
C GLU B 155 10.23 15.54 6.97
N VAL B 156 11.42 15.00 7.22
CA VAL B 156 11.73 13.62 6.84
C VAL B 156 11.61 12.74 8.06
N ILE B 157 10.72 11.76 7.99
CA ILE B 157 10.43 10.90 9.13
C ILE B 157 10.88 9.48 8.84
N PRO B 158 11.92 8.99 9.52
CA PRO B 158 12.37 7.62 9.29
C PRO B 158 11.37 6.64 9.85
N VAL B 159 11.14 5.57 9.08
CA VAL B 159 10.18 4.54 9.45
C VAL B 159 10.99 3.30 9.82
N HIS B 160 11.00 2.97 11.11
CA HIS B 160 11.69 1.79 11.61
C HIS B 160 10.81 0.56 11.60
N SER B 161 9.50 0.71 11.41
CA SER B 161 8.59 -0.42 11.45
C SER B 161 8.87 -1.35 10.27
N GLY B 162 8.61 -2.64 10.48
CA GLY B 162 8.68 -3.60 9.40
C GLY B 162 10.11 -3.85 8.96
N SER B 163 10.30 -3.89 7.64
CA SER B 163 11.64 -4.00 7.07
C SER B 163 12.37 -2.66 7.00
N ALA B 164 11.72 -1.56 7.35
CA ALA B 164 12.33 -0.23 7.31
C ALA B 164 12.73 0.15 5.88
N THR B 165 11.88 -0.19 4.92
CA THR B 165 12.12 0.19 3.53
C THR B 165 10.83 0.82 3.01
N LEU B 166 10.73 0.90 1.67
CA LEU B 166 9.70 1.72 1.05
C LEU B 166 8.30 1.25 1.43
N LYS B 167 8.07 -0.07 1.45
CA LYS B 167 6.74 -0.58 1.74
C LYS B 167 6.28 -0.16 3.13
N ASP B 168 7.22 -0.11 4.08
CA ASP B 168 6.90 0.29 5.44
C ASP B 168 6.67 1.78 5.54
N ALA B 169 7.39 2.59 4.75
CA ALA B 169 7.07 4.00 4.67
C ALA B 169 5.69 4.21 4.05
N CYS B 170 5.38 3.47 2.98
CA CYS B 170 4.02 3.43 2.43
C CYS B 170 2.97 3.16 3.51
N ASN B 171 3.19 2.13 4.35
CA ASN B 171 2.22 1.84 5.41
C ASN B 171 2.04 3.04 6.32
N GLU B 172 3.15 3.60 6.80
CA GLU B 172 3.06 4.72 7.74
C GLU B 172 2.37 5.91 7.10
N ALA B 173 2.63 6.16 5.82
CA ALA B 173 1.98 7.30 5.17
C ALA B 173 0.47 7.13 5.18
N LEU B 174 -0.01 5.91 4.88
CA LEU B 174 -1.44 5.61 4.96
C LEU B 174 -1.97 5.79 6.38
N ARG B 175 -1.29 5.19 7.36
CA ARG B 175 -1.65 5.37 8.77
C ARG B 175 -1.82 6.85 9.11
N ASP B 176 -0.83 7.66 8.74
CA ASP B 176 -0.89 9.10 9.01
C ASP B 176 -2.11 9.72 8.32
N TRP B 177 -2.28 9.45 7.03
CA TRP B 177 -3.39 10.04 6.29
C TRP B 177 -4.74 9.66 6.87
N SER B 178 -4.87 8.47 7.47
CA SER B 178 -6.18 8.04 7.95
C SER B 178 -6.69 8.96 9.05
N GLY B 179 -5.80 9.54 9.84
CA GLY B 179 -6.25 10.47 10.85
C GLY B 179 -6.19 11.92 10.43
N SER B 180 -5.38 12.23 9.42
CA SER B 180 -5.09 13.62 9.07
C SER B 180 -5.70 14.05 7.75
N TYR B 181 -6.52 13.21 7.11
CA TYR B 181 -6.90 13.49 5.74
C TYR B 181 -7.76 14.74 5.60
N GLU B 182 -8.37 15.22 6.69
CA GLU B 182 -9.15 16.45 6.60
C GLU B 182 -8.29 17.64 6.24
N THR B 183 -7.02 17.64 6.64
CA THR B 183 -6.10 18.74 6.34
C THR B 183 -4.91 18.34 5.46
N ALA B 184 -4.59 17.05 5.35
CA ALA B 184 -3.43 16.59 4.62
C ALA B 184 -3.83 15.86 3.34
N HIS B 185 -3.01 15.97 2.31
CA HIS B 185 -3.18 15.17 1.12
C HIS B 185 -2.01 14.20 0.98
N TYR B 186 -2.34 12.93 0.74
CA TYR B 186 -1.32 11.89 0.55
C TYR B 186 -0.83 11.93 -0.90
N MET B 187 0.41 12.38 -1.10
CA MET B 187 0.98 12.50 -2.44
C MET B 187 1.67 11.18 -2.76
N LEU B 188 0.89 10.22 -3.24
CA LEU B 188 1.44 8.92 -3.60
C LEU B 188 2.35 9.06 -4.82
N GLY B 189 3.48 8.35 -4.79
CA GLY B 189 4.56 8.58 -5.74
C GLY B 189 4.64 7.65 -6.92
N THR B 190 3.66 6.79 -7.13
CA THR B 190 3.73 5.93 -8.30
C THR B 190 2.30 5.56 -8.70
N ALA B 191 2.18 4.89 -9.84
CA ALA B 191 0.88 4.67 -10.43
C ALA B 191 0.27 3.37 -9.90
N ALA B 192 0.28 3.27 -8.58
CA ALA B 192 -0.14 2.12 -7.84
C ALA B 192 -0.91 2.63 -6.64
N GLY B 193 -1.37 1.71 -5.81
CA GLY B 193 -2.12 2.05 -4.63
C GLY B 193 -3.61 2.01 -4.90
N PRO B 194 -4.39 2.46 -3.93
CA PRO B 194 -5.84 2.43 -4.10
C PRO B 194 -6.29 3.45 -5.14
N HIS B 195 -7.35 3.09 -5.83
CA HIS B 195 -8.05 4.05 -6.66
C HIS B 195 -8.43 5.25 -5.80
N PRO B 196 -8.26 6.48 -6.30
CA PRO B 196 -7.96 6.79 -7.70
C PRO B 196 -6.49 7.04 -8.06
N TYR B 197 -5.53 6.67 -7.24
CA TYR B 197 -4.14 7.03 -7.51
C TYR B 197 -3.61 6.46 -8.83
N PRO B 198 -3.80 5.19 -9.18
CA PRO B 198 -3.24 4.71 -10.45
C PRO B 198 -3.73 5.54 -11.64
N THR B 199 -4.98 5.97 -11.57
CA THR B 199 -5.57 6.77 -12.63
C THR B 199 -5.04 8.20 -12.62
N ILE B 200 -4.91 8.78 -11.42
CA ILE B 200 -4.51 10.17 -11.29
C ILE B 200 -3.06 10.34 -11.73
N VAL B 201 -2.19 9.45 -11.25
CA VAL B 201 -0.79 9.50 -11.63
C VAL B 201 -0.65 9.36 -13.14
N ARG B 202 -1.37 8.40 -13.73
CA ARG B 202 -1.30 8.24 -15.18
C ARG B 202 -1.66 9.55 -15.88
N GLU B 203 -2.79 10.14 -15.51
CA GLU B 203 -3.21 11.36 -16.19
C GLU B 203 -2.27 12.52 -15.93
N PHE B 204 -1.54 12.51 -14.81
CA PHE B 204 -0.59 13.57 -14.50
C PHE B 204 0.83 13.26 -14.99
N GLN B 205 1.04 12.07 -15.59
CA GLN B 205 2.27 11.72 -16.27
C GLN B 205 2.09 11.53 -17.77
N ARG B 206 0.87 11.59 -18.30
CA ARG B 206 0.67 11.17 -19.68
C ARG B 206 1.18 12.19 -20.69
N MET B 207 1.58 13.39 -20.25
CA MET B 207 2.20 14.33 -21.16
C MET B 207 3.55 13.80 -21.66
N ILE B 208 4.16 12.86 -20.94
CA ILE B 208 5.38 12.23 -21.44
C ILE B 208 5.11 11.57 -22.78
N GLY B 209 4.09 10.70 -22.83
CA GLY B 209 3.77 10.02 -24.07
C GLY B 209 3.13 10.93 -25.10
N GLU B 210 2.34 11.91 -24.65
CA GLU B 210 1.74 12.88 -25.56
C GLU B 210 2.80 13.71 -26.27
N GLU B 211 3.79 14.20 -25.51
CA GLU B 211 4.87 14.95 -26.15
C GLU B 211 5.67 14.07 -27.09
N THR B 212 6.00 12.85 -26.63
CA THR B 212 6.74 11.90 -27.45
C THR B 212 6.05 11.66 -28.79
N LYS B 213 4.73 11.44 -28.76
CA LYS B 213 4.01 11.20 -30.02
C LYS B 213 4.15 12.39 -30.96
N ALA B 214 3.87 13.58 -30.47
CA ALA B 214 3.98 14.77 -31.31
C ALA B 214 5.42 15.01 -31.77
N GLN B 215 6.39 14.76 -30.88
CA GLN B 215 7.77 14.95 -31.30
C GLN B 215 8.20 13.88 -32.29
N ILE B 216 7.79 12.63 -32.09
CA ILE B 216 8.24 11.60 -33.02
C ILE B 216 7.57 11.76 -34.37
N LEU B 217 6.31 12.20 -34.40
CA LEU B 217 5.66 12.44 -35.69
C LEU B 217 6.37 13.55 -36.44
N ASP B 218 6.87 14.53 -35.70
CA ASP B 218 7.53 15.69 -36.30
C ASP B 218 8.90 15.32 -36.85
N LYS B 219 9.62 14.44 -36.16
CA LYS B 219 10.98 14.10 -36.55
C LYS B 219 11.05 12.95 -37.56
N GLU B 220 10.21 11.93 -37.41
CA GLU B 220 10.27 10.77 -38.28
C GLU B 220 9.04 10.59 -39.16
N GLY B 221 7.97 11.34 -38.93
CA GLY B 221 6.78 11.20 -39.75
C GLY B 221 5.97 9.95 -39.49
N ARG B 222 6.27 9.22 -38.42
CA ARG B 222 5.59 7.97 -38.13
C ARG B 222 5.68 7.71 -36.64
N LEU B 223 4.80 6.84 -36.16
CA LEU B 223 4.84 6.44 -34.76
C LEU B 223 5.99 5.47 -34.54
N PRO B 224 6.45 5.33 -33.30
CA PRO B 224 7.51 4.37 -33.02
C PRO B 224 7.03 2.92 -33.08
N ASP B 225 7.96 2.04 -33.46
CA ASP B 225 7.70 0.61 -33.37
C ASP B 225 7.48 0.18 -31.94
N ALA B 226 8.14 0.84 -30.98
CA ALA B 226 8.00 0.48 -29.57
C ALA B 226 8.53 1.60 -28.69
N VAL B 227 7.82 1.85 -27.59
CA VAL B 227 8.30 2.72 -26.52
C VAL B 227 8.60 1.83 -25.32
N ILE B 228 9.68 2.16 -24.63
CA ILE B 228 10.29 1.29 -23.64
C ILE B 228 10.54 2.10 -22.37
N ALA B 229 10.15 1.57 -21.22
CA ALA B 229 10.36 2.31 -19.98
C ALA B 229 10.54 1.33 -18.84
N CYS B 230 11.31 1.73 -17.84
CA CYS B 230 11.44 0.86 -16.68
C CYS B 230 10.18 0.93 -15.83
N VAL B 231 9.97 -0.12 -15.05
CA VAL B 231 8.75 -0.25 -14.24
C VAL B 231 9.19 -0.50 -12.80
N GLY B 232 9.12 0.52 -11.97
CA GLY B 232 9.17 0.35 -10.53
C GLY B 232 7.75 0.18 -10.04
N GLY B 233 7.05 1.27 -9.78
CA GLY B 233 5.63 1.12 -9.48
C GLY B 233 4.77 1.36 -10.70
N GLY B 234 5.35 1.96 -11.73
CA GLY B 234 4.70 2.05 -13.03
C GLY B 234 4.41 3.44 -13.54
N SER B 235 4.80 4.53 -12.87
CA SER B 235 4.29 5.84 -13.29
C SER B 235 4.98 6.34 -14.56
N ASN B 236 6.31 6.25 -14.63
CA ASN B 236 6.97 6.77 -15.84
C ASN B 236 6.57 5.97 -17.06
N ALA B 237 6.39 4.66 -16.89
CA ALA B 237 6.02 3.80 -18.01
C ALA B 237 4.61 4.07 -18.47
N ILE B 238 3.65 4.16 -17.52
CA ILE B 238 2.27 4.43 -17.92
C ILE B 238 2.16 5.84 -18.48
N GLY B 239 2.98 6.77 -17.97
CA GLY B 239 2.99 8.11 -18.54
C GLY B 239 3.42 8.09 -20.00
N MET B 240 4.49 7.35 -20.30
CA MET B 240 4.89 7.14 -21.68
C MET B 240 3.85 6.33 -22.46
N PHE B 241 3.32 5.25 -21.88
CA PHE B 241 2.43 4.37 -22.65
C PHE B 241 1.12 5.06 -23.02
N ALA B 242 0.58 5.88 -22.12
CA ALA B 242 -0.86 6.10 -22.10
C ALA B 242 -1.36 6.59 -23.44
N ASP B 243 -0.68 7.57 -24.02
CA ASP B 243 -1.16 8.10 -25.29
C ASP B 243 -0.91 7.18 -26.48
N PHE B 244 -0.23 6.05 -26.28
CA PHE B 244 -0.02 5.08 -27.35
C PHE B 244 -0.90 3.84 -27.23
N ILE B 245 -1.65 3.71 -26.13
CA ILE B 245 -2.39 2.47 -25.88
C ILE B 245 -3.36 2.17 -27.03
N ASN B 246 -4.05 3.20 -27.54
CA ASN B 246 -4.94 3.01 -28.67
C ASN B 246 -4.21 2.97 -30.01
N ASP B 247 -2.90 3.25 -30.05
CA ASP B 247 -2.10 3.09 -31.29
C ASP B 247 -1.55 1.68 -31.30
N THR B 248 -2.38 0.76 -31.78
CA THR B 248 -2.13 -0.66 -31.56
C THR B 248 -0.89 -1.17 -32.27
N SER B 249 -0.40 -0.46 -33.29
CA SER B 249 0.85 -0.86 -33.93
C SER B 249 2.09 -0.49 -33.10
N VAL B 250 1.92 0.25 -32.00
CA VAL B 250 3.05 0.70 -31.20
C VAL B 250 3.24 -0.28 -30.05
N GLY B 251 4.39 -0.94 -30.03
CA GLY B 251 4.71 -1.82 -28.92
C GLY B 251 4.94 -1.03 -27.64
N LEU B 252 4.46 -1.58 -26.54
CA LEU B 252 4.70 -1.03 -25.21
C LEU B 252 5.51 -2.04 -24.42
N ILE B 253 6.65 -1.63 -23.91
CA ILE B 253 7.57 -2.56 -23.27
C ILE B 253 7.98 -1.97 -21.93
N GLY B 254 7.63 -2.68 -20.87
CA GLY B 254 8.03 -2.29 -19.53
C GLY B 254 9.14 -3.21 -19.06
N VAL B 255 10.07 -2.66 -18.30
CA VAL B 255 11.26 -3.38 -17.93
C VAL B 255 11.33 -3.38 -16.41
N GLU B 256 11.10 -4.54 -15.81
CA GLU B 256 11.28 -4.63 -14.38
C GLU B 256 12.72 -4.97 -14.04
N PRO B 257 13.16 -4.64 -12.83
CA PRO B 257 14.53 -4.99 -12.45
C PRO B 257 14.66 -6.48 -12.20
N GLY B 258 15.65 -7.09 -12.86
CA GLY B 258 15.97 -8.49 -12.66
C GLY B 258 16.97 -8.74 -11.57
N GLY B 259 17.50 -7.65 -10.99
CA GLY B 259 18.42 -7.77 -9.86
C GLY B 259 19.60 -8.65 -10.19
N HIS B 260 19.89 -9.59 -9.31
CA HIS B 260 20.93 -10.57 -9.58
C HIS B 260 20.50 -11.65 -10.56
N GLY B 261 19.29 -11.57 -11.13
CA GLY B 261 18.79 -12.61 -12.00
C GLY B 261 17.52 -13.24 -11.45
N ILE B 262 16.53 -13.48 -12.31
CA ILE B 262 15.23 -13.96 -11.83
C ILE B 262 15.41 -15.26 -11.04
N GLU B 263 16.20 -16.18 -11.57
CA GLU B 263 16.34 -17.48 -10.90
C GLU B 263 17.06 -17.38 -9.56
N THR B 264 17.66 -16.24 -9.22
CA THR B 264 18.24 -16.14 -7.89
C THR B 264 17.22 -15.77 -6.82
N GLY B 265 16.02 -15.36 -7.22
CA GLY B 265 15.07 -14.81 -6.28
C GLY B 265 15.37 -13.40 -5.81
N GLU B 266 16.55 -12.88 -6.10
CA GLU B 266 16.90 -11.52 -5.66
C GLU B 266 16.69 -10.60 -6.85
N HIS B 267 15.45 -10.14 -6.99
CA HIS B 267 15.03 -9.34 -8.12
C HIS B 267 13.90 -8.45 -7.65
N GLY B 268 13.39 -7.64 -8.56
CA GLY B 268 12.23 -6.83 -8.26
C GLY B 268 11.25 -6.83 -9.40
N ALA B 269 10.86 -8.02 -9.87
CA ALA B 269 10.04 -8.16 -11.07
C ALA B 269 8.73 -8.88 -10.72
N PRO B 270 7.88 -8.26 -9.89
CA PRO B 270 6.65 -8.96 -9.47
C PRO B 270 5.65 -9.15 -10.60
N LEU B 271 5.54 -8.20 -11.53
CA LEU B 271 4.55 -8.35 -12.59
C LEU B 271 4.71 -9.67 -13.32
N LYS B 272 5.94 -10.04 -13.68
CA LYS B 272 6.15 -11.29 -14.40
C LYS B 272 6.55 -12.46 -13.50
N HIS B 273 7.02 -12.20 -12.28
CA HIS B 273 7.59 -13.26 -11.45
C HIS B 273 7.14 -13.14 -10.00
N GLY B 274 6.10 -12.38 -9.73
CA GLY B 274 5.54 -12.37 -8.42
C GLY B 274 4.25 -13.14 -8.44
N ARG B 275 3.31 -12.72 -7.61
CA ARG B 275 2.05 -13.42 -7.48
C ARG B 275 1.03 -12.41 -6.99
N VAL B 276 -0.13 -12.39 -7.64
CA VAL B 276 -1.15 -11.42 -7.31
C VAL B 276 -1.46 -11.50 -5.84
N GLY B 277 -1.51 -10.34 -5.21
CA GLY B 277 -1.85 -10.22 -3.82
C GLY B 277 -2.69 -8.98 -3.64
N ILE B 278 -3.05 -8.71 -2.40
CA ILE B 278 -3.81 -7.52 -2.04
C ILE B 278 -2.99 -6.82 -0.98
N TYR B 279 -2.53 -5.62 -1.31
CA TYR B 279 -1.72 -4.86 -0.39
C TYR B 279 -1.56 -3.44 -0.93
N PHE B 280 -1.41 -2.48 -0.02
CA PHE B 280 -1.26 -1.07 -0.37
C PHE B 280 -2.47 -0.60 -1.18
N GLY B 281 -3.64 -1.09 -0.80
CA GLY B 281 -4.89 -0.62 -1.36
C GLY B 281 -5.25 -1.19 -2.69
N MET B 282 -4.52 -2.20 -3.17
CA MET B 282 -4.78 -2.67 -4.52
C MET B 282 -4.55 -4.18 -4.60
N LYS B 283 -5.26 -4.76 -5.56
CA LYS B 283 -5.01 -6.13 -6.00
C LYS B 283 -4.07 -6.08 -7.20
N ALA B 284 -2.88 -6.66 -7.05
CA ALA B 284 -1.81 -6.50 -8.03
C ALA B 284 -0.77 -7.60 -7.80
N PRO B 285 0.05 -7.91 -8.81
CA PRO B 285 1.20 -8.81 -8.59
C PRO B 285 2.13 -8.19 -7.55
N MET B 286 2.75 -9.05 -6.75
CA MET B 286 3.59 -8.56 -5.67
C MET B 286 4.74 -9.50 -5.38
N MET B 287 5.76 -8.95 -4.75
CA MET B 287 6.82 -9.71 -4.13
C MET B 287 6.30 -10.17 -2.78
N GLN B 288 6.06 -11.46 -2.61
CA GLN B 288 5.57 -11.97 -1.34
C GLN B 288 6.08 -13.38 -1.13
N THR B 289 6.13 -13.79 0.14
CA THR B 289 6.47 -15.16 0.50
C THR B 289 5.32 -16.10 0.12
N ALA B 290 5.60 -17.40 0.19
CA ALA B 290 4.55 -18.38 -0.05
C ALA B 290 3.42 -18.26 0.97
N ASP B 291 3.69 -17.64 2.12
CA ASP B 291 2.78 -17.32 3.20
C ASP B 291 1.92 -16.08 2.96
N GLY B 292 2.26 -15.25 1.98
CA GLY B 292 1.56 -14.00 1.80
C GLY B 292 2.11 -12.83 2.58
N GLN B 293 3.29 -12.96 3.20
CA GLN B 293 4.00 -11.81 3.74
C GLN B 293 4.71 -11.08 2.61
N ILE B 294 4.52 -9.76 2.53
CA ILE B 294 5.14 -8.98 1.47
C ILE B 294 6.63 -8.83 1.71
N GLU B 295 7.40 -8.94 0.64
CA GLU B 295 8.86 -8.86 0.64
C GLU B 295 9.31 -7.58 -0.05
N GLU B 296 10.60 -7.32 -0.01
CA GLU B 296 11.14 -6.19 -0.73
C GLU B 296 11.47 -6.57 -2.16
N SER B 297 11.50 -5.57 -3.03
CA SER B 297 12.14 -5.72 -4.33
C SER B 297 13.64 -5.53 -4.17
N TYR B 298 14.44 -6.33 -4.87
CA TYR B 298 15.86 -6.06 -4.93
C TYR B 298 16.24 -5.56 -6.31
N SER B 299 17.05 -4.50 -6.35
CA SER B 299 17.65 -4.06 -7.61
C SER B 299 18.85 -3.19 -7.26
N ILE B 300 19.83 -3.18 -8.17
CA ILE B 300 20.97 -2.27 -8.03
C ILE B 300 20.50 -0.83 -7.98
N SER B 301 19.39 -0.53 -8.64
CA SER B 301 18.87 0.82 -8.65
C SER B 301 17.87 0.99 -7.52
N ALA B 302 18.09 1.98 -6.68
CA ALA B 302 17.21 2.24 -5.55
C ALA B 302 15.78 2.51 -5.97
N GLY B 303 15.59 3.16 -7.13
CA GLY B 303 14.27 3.64 -7.48
C GLY B 303 13.28 2.56 -7.89
N LEU B 304 13.76 1.35 -8.20
CA LEU B 304 12.90 0.27 -8.66
C LEU B 304 12.53 -0.67 -7.52
N ASP B 305 12.41 -0.15 -6.31
CA ASP B 305 12.25 -0.94 -5.09
C ASP B 305 10.80 -1.13 -4.65
N PHE B 306 9.85 -0.57 -5.37
CA PHE B 306 8.45 -0.74 -4.98
C PHE B 306 8.06 -2.21 -5.14
N PRO B 307 7.65 -2.92 -4.10
CA PRO B 307 7.51 -4.38 -4.22
C PRO B 307 6.28 -4.85 -4.97
N SER B 308 5.61 -3.99 -5.71
CA SER B 308 4.45 -4.44 -6.47
C SER B 308 4.49 -3.65 -7.78
N VAL B 309 3.37 -3.46 -8.45
CA VAL B 309 3.36 -2.75 -9.73
C VAL B 309 1.96 -2.21 -9.91
N GLY B 310 1.85 -1.11 -10.61
CA GLY B 310 0.55 -0.51 -10.88
C GLY B 310 -0.41 -1.50 -11.51
N PRO B 311 -1.68 -1.46 -11.11
CA PRO B 311 -2.64 -2.43 -11.64
C PRO B 311 -2.95 -2.22 -13.11
N GLN B 312 -2.79 -1.01 -13.64
CA GLN B 312 -3.01 -0.85 -15.07
C GLN B 312 -1.94 -1.60 -15.87
N HIS B 313 -0.72 -1.72 -15.35
CA HIS B 313 0.29 -2.51 -16.06
C HIS B 313 -0.06 -3.99 -16.05
N ALA B 314 -0.40 -4.53 -14.88
CA ALA B 314 -0.83 -5.92 -14.80
C ALA B 314 -1.96 -6.21 -15.77
N TYR B 315 -2.90 -5.28 -15.89
CA TYR B 315 -3.99 -5.41 -16.85
C TYR B 315 -3.49 -5.40 -18.27
N LEU B 316 -2.69 -4.38 -18.64
CA LEU B 316 -2.10 -4.29 -19.97
C LEU B 316 -1.33 -5.54 -20.34
N ASN B 317 -0.63 -6.12 -19.38
CA ASN B 317 0.05 -7.39 -19.61
C ASN B 317 -0.97 -8.50 -19.89
N SER B 318 -2.02 -8.58 -19.07
N SER B 318 -2.01 -8.59 -19.06
CA SER B 318 -2.93 -9.71 -19.13
CA SER B 318 -2.95 -9.70 -19.13
C SER B 318 -3.66 -9.77 -20.48
C SER B 318 -3.63 -9.77 -20.49
N ILE B 319 -4.02 -8.62 -21.06
CA ILE B 319 -4.67 -8.62 -22.36
C ILE B 319 -3.66 -8.60 -23.50
N GLY B 320 -2.37 -8.61 -23.22
CA GLY B 320 -1.36 -8.65 -24.25
C GLY B 320 -1.09 -7.33 -24.94
N ARG B 321 -1.59 -6.22 -24.40
CA ARG B 321 -1.38 -4.94 -25.04
C ARG B 321 0.04 -4.43 -24.82
N ALA B 322 0.60 -4.68 -23.64
CA ALA B 322 1.98 -4.33 -23.34
C ALA B 322 2.74 -5.59 -22.98
N ASP B 323 4.05 -5.56 -23.19
CA ASP B 323 4.91 -6.66 -22.83
C ASP B 323 5.88 -6.23 -21.74
N TYR B 324 6.16 -7.12 -20.80
CA TYR B 324 7.05 -6.77 -19.70
C TYR B 324 8.20 -7.76 -19.67
N VAL B 325 9.41 -7.23 -19.55
CA VAL B 325 10.63 -8.00 -19.55
C VAL B 325 11.42 -7.61 -18.31
N SER B 326 12.54 -8.27 -18.10
CA SER B 326 13.44 -7.82 -17.05
C SER B 326 14.87 -7.69 -17.56
N ILE B 327 15.65 -6.97 -16.77
CA ILE B 327 17.03 -6.61 -17.05
C ILE B 327 17.77 -6.72 -15.72
N THR B 328 18.91 -7.40 -15.72
CA THR B 328 19.66 -7.60 -14.49
C THR B 328 20.52 -6.37 -14.16
N ASP B 329 21.04 -6.35 -12.92
CA ASP B 329 21.95 -5.29 -12.51
C ASP B 329 23.07 -5.10 -13.52
N ASP B 330 23.66 -6.21 -13.98
CA ASP B 330 24.82 -6.12 -14.87
C ASP B 330 24.43 -5.52 -16.22
N GLU B 331 23.27 -5.91 -16.75
CA GLU B 331 22.80 -5.33 -18.02
C GLU B 331 22.55 -3.83 -17.87
N ALA B 332 21.88 -3.43 -16.77
CA ALA B 332 21.62 -2.01 -16.52
C ALA B 332 22.92 -1.23 -16.37
N LEU B 333 23.90 -1.80 -15.63
CA LEU B 333 25.19 -1.13 -15.46
C LEU B 333 25.91 -0.92 -16.79
N GLU B 334 25.91 -1.96 -17.64
CA GLU B 334 26.56 -1.82 -18.94
C GLU B 334 25.85 -0.77 -19.79
N ALA B 335 24.52 -0.71 -19.72
CA ALA B 335 23.77 0.32 -20.42
C ALA B 335 24.09 1.71 -19.87
N PHE B 336 24.27 1.82 -18.55
CA PHE B 336 24.67 3.07 -17.92
C PHE B 336 25.99 3.56 -18.52
N LYS B 337 27.03 2.72 -18.45
CA LYS B 337 28.33 3.06 -19.00
C LYS B 337 28.25 3.41 -20.48
N THR B 338 27.48 2.61 -21.25
CA THR B 338 27.41 2.81 -22.69
C THR B 338 26.84 4.18 -23.04
N LEU B 339 25.79 4.62 -22.34
CA LEU B 339 25.21 5.92 -22.65
C LEU B 339 26.14 7.07 -22.26
N CYS B 340 26.84 6.93 -21.14
CA CYS B 340 27.79 7.97 -20.74
C CYS B 340 28.83 8.17 -21.83
N ARG B 341 29.40 7.05 -22.27
CA ARG B 341 30.54 7.05 -23.16
C ARG B 341 30.17 7.48 -24.58
N HIS B 342 28.96 7.16 -25.05
CA HIS B 342 28.66 7.35 -26.47
C HIS B 342 27.68 8.46 -26.75
N GLU B 343 26.91 8.90 -25.77
CA GLU B 343 26.01 10.04 -25.95
C GLU B 343 26.24 11.15 -24.94
N GLY B 344 27.11 10.96 -23.96
CA GLY B 344 27.37 12.01 -23.01
C GLY B 344 26.18 12.30 -22.11
N ILE B 345 25.34 11.31 -21.89
CA ILE B 345 24.17 11.41 -21.02
C ILE B 345 24.35 10.39 -19.92
N ILE B 346 24.33 10.85 -18.68
CA ILE B 346 24.44 9.96 -17.52
C ILE B 346 23.02 9.60 -17.10
N PRO B 347 22.54 8.40 -17.39
CA PRO B 347 21.16 8.06 -17.04
C PRO B 347 21.06 7.54 -15.61
N ALA B 348 19.91 7.79 -15.00
CA ALA B 348 19.55 7.07 -13.79
C ALA B 348 19.69 5.57 -14.02
N LEU B 349 20.15 4.85 -12.99
CA LEU B 349 20.24 3.40 -13.09
C LEU B 349 18.87 2.76 -13.29
N GLU B 350 17.80 3.43 -12.86
CA GLU B 350 16.44 2.99 -13.16
C GLU B 350 16.19 2.97 -14.65
N SER B 351 16.32 4.15 -15.29
CA SER B 351 16.15 4.26 -16.74
C SER B 351 17.19 3.45 -17.51
N SER B 352 18.28 3.07 -16.85
CA SER B 352 19.30 2.26 -17.49
C SER B 352 18.75 0.88 -17.85
N HIS B 353 17.73 0.42 -17.11
CA HIS B 353 17.07 -0.85 -17.41
C HIS B 353 16.32 -0.77 -18.73
N ALA B 354 15.57 0.30 -18.94
CA ALA B 354 14.90 0.48 -20.22
C ALA B 354 15.91 0.50 -21.35
N LEU B 355 16.94 1.35 -21.23
CA LEU B 355 17.95 1.44 -22.25
C LEU B 355 18.62 0.09 -22.50
N ALA B 356 18.95 -0.62 -21.43
CA ALA B 356 19.57 -1.93 -21.55
C ALA B 356 18.71 -2.85 -22.40
N HIS B 357 17.39 -2.77 -22.24
CA HIS B 357 16.56 -3.65 -23.06
C HIS B 357 16.55 -3.21 -24.51
N ALA B 358 16.50 -1.90 -24.75
CA ALA B 358 16.58 -1.40 -26.12
C ALA B 358 17.88 -1.83 -26.78
N LEU B 359 19.00 -1.78 -26.05
CA LEU B 359 20.27 -2.22 -26.60
C LEU B 359 20.23 -3.70 -26.96
N LYS B 360 19.61 -4.49 -26.10
CA LYS B 360 19.46 -5.92 -26.39
C LYS B 360 18.64 -6.13 -27.66
N MET B 361 17.53 -5.40 -27.80
CA MET B 361 16.71 -5.51 -29.02
C MET B 361 17.54 -5.20 -30.24
N MET B 362 18.32 -4.12 -30.17
CA MET B 362 19.13 -3.70 -31.30
C MET B 362 20.26 -4.69 -31.55
N ARG B 363 20.95 -5.13 -30.49
CA ARG B 363 22.12 -5.98 -30.69
C ARG B 363 21.71 -7.39 -31.12
N GLU B 364 20.60 -7.90 -30.58
CA GLU B 364 20.19 -9.25 -30.91
C GLU B 364 19.84 -9.36 -32.39
N GLN B 365 19.22 -8.33 -32.94
CA GLN B 365 18.75 -8.35 -34.33
C GLN B 365 19.21 -7.07 -34.99
N PRO B 366 20.50 -6.98 -35.35
CA PRO B 366 21.07 -5.71 -35.79
C PRO B 366 20.60 -5.26 -37.16
N GLU B 367 20.02 -6.14 -37.97
CA GLU B 367 19.48 -5.75 -39.26
C GLU B 367 17.98 -5.52 -39.23
N LYS B 368 17.35 -5.62 -38.08
CA LYS B 368 15.93 -5.31 -37.99
C LYS B 368 15.75 -3.79 -38.02
N GLU B 369 14.96 -3.29 -38.97
CA GLU B 369 14.63 -1.88 -38.99
C GLU B 369 13.58 -1.61 -37.91
N GLN B 370 13.93 -0.80 -36.91
CA GLN B 370 12.98 -0.54 -35.85
C GLN B 370 13.25 0.84 -35.27
N LEU B 371 12.17 1.56 -34.96
CA LEU B 371 12.22 2.90 -34.41
C LEU B 371 11.77 2.79 -32.96
N LEU B 372 12.73 2.91 -32.04
CA LEU B 372 12.51 2.73 -30.62
C LEU B 372 12.58 4.07 -29.89
N VAL B 373 11.71 4.26 -28.91
CA VAL B 373 11.83 5.35 -27.94
C VAL B 373 11.98 4.76 -26.54
N VAL B 374 13.04 5.18 -25.86
CA VAL B 374 13.28 4.81 -24.48
C VAL B 374 12.94 6.03 -23.62
N ASN B 375 12.17 5.82 -22.56
CA ASN B 375 11.87 6.88 -21.60
C ASN B 375 13.03 6.98 -20.62
N LEU B 376 13.82 8.07 -20.71
CA LEU B 376 14.91 8.32 -19.78
C LEU B 376 14.34 9.00 -18.55
N SER B 377 13.98 8.19 -17.55
CA SER B 377 13.11 8.68 -16.49
C SER B 377 13.81 9.65 -15.55
N GLY B 378 15.14 9.62 -15.52
CA GLY B 378 15.90 10.47 -14.61
C GLY B 378 17.37 10.53 -15.00
N ARG B 379 18.06 11.50 -14.41
CA ARG B 379 19.48 11.61 -14.64
C ARG B 379 20.22 10.79 -13.59
N GLY B 380 21.44 10.41 -13.91
CA GLY B 380 22.16 9.43 -13.13
C GLY B 380 23.20 9.98 -12.20
N ASP B 381 23.26 11.30 -12.03
CA ASP B 381 24.27 11.90 -11.15
C ASP B 381 24.17 11.37 -9.73
N LYS B 382 22.94 11.12 -9.26
CA LYS B 382 22.74 10.47 -7.97
C LYS B 382 23.34 9.06 -7.88
N ASP B 383 23.69 8.44 -9.02
CA ASP B 383 24.11 7.04 -9.03
C ASP B 383 25.61 6.86 -9.21
N ILE B 384 26.36 7.94 -9.44
CA ILE B 384 27.77 7.75 -9.79
C ILE B 384 28.54 7.17 -8.62
N PHE B 385 28.11 7.44 -7.39
CA PHE B 385 28.79 6.86 -6.24
C PHE B 385 28.59 5.35 -6.19
N THR B 386 27.36 4.89 -6.42
CA THR B 386 27.09 3.46 -6.48
C THR B 386 27.83 2.81 -7.63
N VAL B 387 27.81 3.44 -8.80
CA VAL B 387 28.54 2.90 -9.94
C VAL B 387 30.04 2.90 -9.68
N HIS B 388 30.54 3.94 -9.03
CA HIS B 388 31.96 4.00 -8.71
C HIS B 388 32.36 2.84 -7.80
N ASP B 389 31.58 2.60 -6.74
CA ASP B 389 31.92 1.54 -5.79
C ASP B 389 31.85 0.16 -6.43
N ILE B 390 30.92 -0.05 -7.37
CA ILE B 390 30.86 -1.34 -8.04
C ILE B 390 32.08 -1.52 -8.93
N LEU B 391 32.46 -0.46 -9.65
CA LEU B 391 33.59 -0.56 -10.57
C LEU B 391 34.89 -0.82 -9.83
N LYS B 392 35.08 -0.19 -8.68
CA LYS B 392 36.31 -0.42 -7.92
C LYS B 392 36.29 -1.75 -7.18
N ALA B 393 35.10 -2.30 -6.90
CA ALA B 393 35.04 -3.65 -6.36
C ALA B 393 35.52 -4.68 -7.36
N ARG B 394 35.37 -4.40 -8.65
CA ARG B 394 35.88 -5.28 -9.69
C ARG B 394 37.26 -4.81 -10.16
N GLY B 395 37.31 -3.65 -10.82
CA GLY B 395 38.56 -3.08 -11.29
C GLY B 395 38.39 -1.80 -12.10
CS CS C . 8.20 -3.09 -8.86
N PLS D . 11.84 6.38 -7.36
CA PLS D . 10.84 6.27 -6.29
CB PLS D . 10.77 4.86 -5.74
OG PLS D . 11.90 4.65 -4.96
C PLS D . 11.15 7.23 -5.13
O PLS D . 12.04 8.10 -5.30
OXT PLS D . 10.57 7.13 -4.01
N1 PLS D . 13.28 6.45 -12.31
C2 PLS D . 13.64 7.13 -11.21
C2A PLS D . 14.76 8.16 -11.31
C3 PLS D . 13.00 6.92 -10.00
O3 PLS D . 13.42 7.64 -8.87
C4 PLS D . 12.00 6.01 -9.89
C4A PLS D . 11.29 5.75 -8.55
C5 PLS D . 11.63 5.32 -11.02
C6 PLS D . 12.27 5.55 -12.21
C5A PLS D . 10.52 4.25 -11.03
O4P PLS D . 9.29 4.64 -10.50
P PLS D . 7.97 4.47 -11.45
O1P PLS D . 6.72 4.90 -10.70
O2P PLS D . 7.86 3.04 -11.94
O3P PLS D . 8.15 5.33 -12.69
N1 IND E . 7.04 19.19 -30.96
C2 IND E . 6.34 19.34 -32.11
C3 IND E . 5.00 19.38 -31.79
C4 IND E . 3.76 19.23 -29.56
C5 IND E . 3.94 19.08 -28.18
C6 IND E . 5.22 18.96 -27.65
C7 IND E . 6.33 18.99 -28.50
C8 IND E . 6.15 19.14 -29.90
C9 IND E . 4.88 19.26 -30.42
CL CL F . 12.32 23.01 -22.92
CL CL G . 21.28 3.41 -36.85
CL CL H . 5.68 -3.26 -33.18
#